data_6SDU
#
_entry.id   6SDU
#
_cell.length_a   135.408
_cell.length_b   108.319
_cell.length_c   84.706
_cell.angle_alpha   90.000
_cell.angle_beta   113.110
_cell.angle_gamma   90.000
#
_symmetry.space_group_name_H-M   'C 1 2 1'
#
loop_
_entity.id
_entity.type
_entity.pdbx_description
1 polymer 'Type III effector NopAA'
2 branched beta-D-glucopyranose-(1-4)-beta-D-glucopyranose
3 non-polymer beta-D-glucopyranose
4 water water
#
_entity_poly.entity_id   1
_entity_poly.type   'polypeptide(L)'
_entity_poly.pdbx_seq_one_letter_code
;MHHHHHHITSLYKKAGMPIWSSHAPYGSFSRDGYSWNNDVWGPRPGPQTISVSGVNRWSVWSDQPNTPGIKSYPHVAFNI
GKPLSSINTLSSSFNQEVPTGGAWDVAYDIWDSSNKHEIMLWTNYTGNSDGSGNVKPISYHYAPSGAAIPVYSNVNVGGA
TWNVFEGEGPDGHKVISLLRTSKTNSGTVDIKSILQWIKSKGYFGDIEVGSVQYGVEITSSPGGKNFNFNNWSVTSK
;
_entity_poly.pdbx_strand_id   A,B,C,D
#
# COMPACT_ATOMS: atom_id res chain seq x y z
N GLY A 16 28.38 20.09 5.45
CA GLY A 16 28.17 21.51 5.13
C GLY A 16 28.07 21.71 3.61
N MET A 17 29.09 21.37 2.82
CA MET A 17 28.95 21.40 1.35
C MET A 17 28.92 19.95 0.87
N PRO A 18 27.99 19.53 0.02
CA PRO A 18 27.94 18.16 -0.41
C PRO A 18 28.98 17.72 -1.43
N ILE A 19 29.45 16.50 -1.29
CA ILE A 19 30.34 15.87 -2.30
C ILE A 19 29.43 15.15 -3.30
N TRP A 20 28.18 14.95 -2.92
CA TRP A 20 27.18 14.37 -3.82
C TRP A 20 25.80 14.61 -3.21
N SER A 21 24.82 14.78 -4.08
CA SER A 21 23.43 14.95 -3.71
C SER A 21 22.58 14.40 -4.84
N SER A 22 21.39 13.87 -4.50
CA SER A 22 20.44 13.42 -5.51
C SER A 22 19.02 13.45 -4.96
N HIS A 23 18.07 13.84 -5.80
CA HIS A 23 16.66 13.65 -5.49
C HIS A 23 16.02 12.58 -6.36
N ALA A 24 16.79 11.95 -7.23
CA ALA A 24 16.28 10.90 -8.11
C ALA A 24 16.07 9.60 -7.35
N PRO A 25 14.95 8.93 -7.56
CA PRO A 25 14.77 7.60 -6.96
C PRO A 25 15.89 6.69 -7.43
N TYR A 26 16.48 5.96 -6.48
CA TYR A 26 17.57 5.00 -6.64
C TYR A 26 18.88 5.64 -7.10
N GLY A 27 19.02 6.96 -6.98
CA GLY A 27 20.30 7.59 -7.23
C GLY A 27 21.35 7.05 -6.26
N SER A 28 22.57 6.84 -6.76
CA SER A 28 23.61 6.25 -5.93
C SER A 28 24.95 6.92 -6.21
N PHE A 29 25.83 6.83 -5.20
CA PHE A 29 27.16 7.39 -5.21
C PHE A 29 28.02 6.49 -4.33
N SER A 30 29.31 6.34 -4.68
CA SER A 30 30.22 5.56 -3.86
C SER A 30 31.56 6.25 -3.78
N ARG A 31 32.18 6.19 -2.60
CA ARG A 31 33.50 6.76 -2.36
C ARG A 31 34.19 5.94 -1.26
N ASP A 32 35.41 5.46 -1.54
CA ASP A 32 36.25 4.78 -0.54
C ASP A 32 35.55 3.60 0.13
N GLY A 33 34.85 2.79 -0.64
CA GLY A 33 34.20 1.63 -0.03
C GLY A 33 32.83 1.87 0.55
N TYR A 34 32.40 3.13 0.67
CA TYR A 34 31.05 3.42 1.14
C TYR A 34 30.21 3.78 -0.08
N SER A 35 28.95 3.36 -0.07
CA SER A 35 28.02 3.80 -1.09
C SER A 35 26.75 4.32 -0.43
N TRP A 36 26.09 5.25 -1.11
CA TRP A 36 24.86 5.86 -0.64
C TRP A 36 23.77 5.64 -1.70
N ASN A 37 22.57 5.25 -1.26
CA ASN A 37 21.48 4.90 -2.16
C ASN A 37 20.18 5.59 -1.75
N ASN A 38 19.62 6.39 -2.68
CA ASN A 38 18.35 7.10 -2.50
C ASN A 38 17.16 6.20 -2.87
N ASP A 39 16.99 5.11 -2.11
CA ASP A 39 15.99 4.10 -2.46
C ASP A 39 14.57 4.55 -2.08
N VAL A 40 13.72 4.77 -3.10
CA VAL A 40 12.31 5.14 -2.96
C VAL A 40 11.53 4.42 -4.05
N TRP A 41 10.50 3.66 -3.66
CA TRP A 41 9.71 2.87 -4.60
C TRP A 41 8.21 3.03 -4.38
N GLY A 42 7.38 2.27 -5.10
CA GLY A 42 5.97 2.26 -4.78
C GLY A 42 5.07 3.05 -5.70
N PRO A 43 3.77 3.11 -5.36
CA PRO A 43 2.76 3.75 -6.22
C PRO A 43 2.95 5.25 -6.43
N ARG A 44 2.91 6.06 -5.37
CA ARG A 44 3.15 7.50 -5.51
C ARG A 44 4.13 7.92 -4.43
N PRO A 45 5.43 7.80 -4.72
CA PRO A 45 6.43 8.16 -3.70
C PRO A 45 6.53 9.66 -3.56
N GLY A 46 6.84 10.11 -2.34
CA GLY A 46 7.00 11.51 -2.13
C GLY A 46 8.41 11.95 -2.42
N PRO A 47 8.63 13.27 -2.46
CA PRO A 47 9.97 13.77 -2.74
C PRO A 47 10.95 13.32 -1.66
N GLN A 48 12.19 13.06 -2.09
CA GLN A 48 13.23 12.65 -1.15
C GLN A 48 14.57 13.07 -1.72
N THR A 49 15.39 13.72 -0.89
CA THR A 49 16.70 14.20 -1.32
C THR A 49 17.76 13.77 -0.31
N ILE A 50 18.73 13.03 -0.80
CA ILE A 50 19.87 12.59 0.00
C ILE A 50 21.06 13.47 -0.38
N SER A 51 21.84 13.87 0.63
CA SER A 51 23.07 14.62 0.39
C SER A 51 24.18 14.00 1.21
N VAL A 52 25.38 13.93 0.63
CA VAL A 52 26.55 13.33 1.27
C VAL A 52 27.60 14.41 1.44
N SER A 53 28.04 14.62 2.69
CA SER A 53 29.07 15.62 2.92
C SER A 53 30.47 15.04 2.96
N GLY A 54 30.62 13.73 3.12
CA GLY A 54 31.90 13.07 3.23
C GLY A 54 31.64 11.63 3.60
N VAL A 55 32.71 10.83 3.67
CA VAL A 55 32.50 9.38 3.79
C VAL A 55 31.76 9.01 5.06
N ASN A 56 31.90 9.80 6.11
CA ASN A 56 31.26 9.50 7.39
C ASN A 56 30.02 10.33 7.71
N ARG A 57 29.64 11.31 6.88
CA ARG A 57 28.55 12.21 7.25
C ARG A 57 27.61 12.45 6.08
N TRP A 58 26.32 12.20 6.30
CA TRP A 58 25.30 12.33 5.27
C TRP A 58 23.95 12.68 5.90
N SER A 59 23.00 13.01 5.04
CA SER A 59 21.68 13.45 5.45
C SER A 59 20.67 13.08 4.38
N VAL A 60 19.40 12.98 4.79
CA VAL A 60 18.29 12.76 3.88
C VAL A 60 17.03 13.47 4.40
N TRP A 61 16.31 14.14 3.51
CA TRP A 61 15.00 14.72 3.78
C TRP A 61 13.94 14.03 2.94
N SER A 62 12.80 13.71 3.54
CA SER A 62 11.79 12.96 2.82
C SER A 62 10.41 13.39 3.27
N ASP A 63 9.48 13.52 2.31
CA ASP A 63 8.07 13.87 2.54
C ASP A 63 7.17 12.76 1.98
N GLN A 64 6.95 11.72 2.78
CA GLN A 64 6.16 10.55 2.39
C GLN A 64 4.75 10.62 2.98
N PRO A 65 3.72 10.23 2.24
CA PRO A 65 2.34 10.40 2.74
C PRO A 65 1.99 9.42 3.84
N ASN A 66 0.94 9.79 4.57
CA ASN A 66 0.40 8.99 5.68
C ASN A 66 -0.46 7.83 5.14
N THR A 67 0.22 6.88 4.51
CA THR A 67 -0.43 5.74 3.90
C THR A 67 0.31 4.47 4.29
N PRO A 68 -0.32 3.29 4.15
CA PRO A 68 0.34 2.05 4.59
C PRO A 68 1.63 1.73 3.84
N GLY A 69 2.53 1.06 4.53
CA GLY A 69 3.70 0.46 3.90
C GLY A 69 4.92 1.36 3.88
N ILE A 70 6.10 0.71 3.87
CA ILE A 70 7.37 1.41 3.76
C ILE A 70 7.53 1.98 2.36
N LYS A 71 7.88 3.26 2.27
CA LYS A 71 8.05 3.91 0.97
C LYS A 71 9.49 3.98 0.52
N SER A 72 10.44 4.06 1.44
CA SER A 72 11.82 4.32 1.07
C SER A 72 12.77 3.80 2.12
N TYR A 73 14.02 3.57 1.70
CA TYR A 73 15.12 3.24 2.60
C TYR A 73 16.38 3.93 2.11
N PRO A 74 16.46 5.26 2.27
CA PRO A 74 17.74 5.93 2.03
C PRO A 74 18.81 5.37 2.95
N HIS A 75 19.96 5.01 2.39
CA HIS A 75 20.92 4.35 3.27
C HIS A 75 22.32 4.48 2.72
N VAL A 76 23.27 4.27 3.62
CA VAL A 76 24.69 4.12 3.33
C VAL A 76 24.99 2.63 3.46
N ALA A 77 25.91 2.12 2.64
CA ALA A 77 26.24 0.70 2.63
C ALA A 77 27.75 0.50 2.59
N PHE A 78 28.20 -0.60 3.23
CA PHE A 78 29.61 -0.97 3.31
C PHE A 78 29.76 -2.47 3.10
N ASN A 79 30.57 -2.87 2.11
CA ASN A 79 30.74 -4.27 1.78
C ASN A 79 31.78 -4.96 2.66
N ILE A 80 31.46 -6.18 3.11
CA ILE A 80 32.37 -7.01 3.91
C ILE A 80 32.94 -8.17 3.07
N GLY A 81 32.08 -9.07 2.62
CA GLY A 81 32.48 -10.22 1.81
C GLY A 81 33.42 -11.21 2.48
N LYS A 82 33.11 -11.60 3.72
CA LYS A 82 33.96 -12.50 4.49
C LYS A 82 33.09 -13.45 5.29
N PRO A 83 33.51 -14.71 5.46
CA PRO A 83 32.79 -15.62 6.36
C PRO A 83 32.86 -15.13 7.80
N LEU A 84 31.79 -15.39 8.53
CA LEU A 84 31.73 -14.97 9.93
C LEU A 84 32.93 -15.49 10.72
N SER A 85 33.34 -16.73 10.44
CA SER A 85 34.44 -17.35 11.17
C SER A 85 35.77 -16.66 10.91
N SER A 86 35.95 -16.07 9.73
CA SER A 86 37.21 -15.38 9.42
C SER A 86 37.27 -13.97 10.00
N ILE A 87 36.17 -13.47 10.56
CA ILE A 87 36.10 -12.09 11.03
C ILE A 87 36.62 -12.01 12.45
N ASN A 88 37.55 -11.08 12.69
CA ASN A 88 38.08 -10.78 14.01
C ASN A 88 37.38 -9.60 14.67
N THR A 89 37.04 -8.58 13.88
CA THR A 89 36.32 -7.41 14.39
C THR A 89 35.33 -6.93 13.34
N LEU A 90 34.06 -6.76 13.73
CA LEU A 90 33.06 -6.14 12.87
C LEU A 90 32.15 -5.30 13.77
N SER A 91 32.44 -4.01 13.82
CA SER A 91 31.68 -3.09 14.65
C SER A 91 31.33 -1.85 13.84
N SER A 92 30.38 -1.08 14.35
CA SER A 92 29.94 0.12 13.67
C SER A 92 29.58 1.19 14.69
N SER A 93 29.85 2.46 14.34
CA SER A 93 29.48 3.61 15.15
C SER A 93 28.50 4.50 14.40
N PHE A 94 27.47 4.99 15.12
CA PHE A 94 26.45 5.88 14.53
C PHE A 94 26.21 7.07 15.45
N ASN A 95 25.95 8.22 14.85
CA ASN A 95 25.52 9.43 15.56
C ASN A 95 24.50 10.14 14.69
N GLN A 96 23.29 10.36 15.19
CA GLN A 96 22.24 10.89 14.32
C GLN A 96 21.36 11.92 15.01
N GLU A 97 20.66 12.71 14.18
CA GLU A 97 19.63 13.64 14.63
C GLU A 97 18.34 13.30 13.87
N VAL A 98 17.28 13.05 14.60
CA VAL A 98 16.05 12.50 14.03
C VAL A 98 14.92 13.46 14.36
N PRO A 99 13.82 13.42 13.60
CA PRO A 99 12.64 14.22 13.92
C PRO A 99 11.87 13.50 15.02
N THR A 100 10.77 14.12 15.46
CA THR A 100 9.91 13.54 16.48
C THR A 100 8.78 12.66 15.93
N GLY A 101 8.04 13.15 14.93
CA GLY A 101 6.85 12.49 14.45
C GLY A 101 7.00 11.69 13.15
N GLY A 102 5.88 11.17 12.69
CA GLY A 102 5.87 10.35 11.49
C GLY A 102 5.84 8.87 11.83
N ALA A 103 6.15 8.07 10.81
CA ALA A 103 6.22 6.62 10.95
C ALA A 103 7.51 6.13 10.28
N TRP A 104 8.50 5.74 11.09
CA TRP A 104 9.81 5.37 10.55
C TRP A 104 10.61 4.59 11.58
N ASP A 105 11.68 3.97 11.10
CA ASP A 105 12.62 3.30 11.96
C ASP A 105 14.01 3.49 11.37
N VAL A 106 14.94 3.95 12.20
CA VAL A 106 16.33 4.07 11.82
C VAL A 106 16.95 2.71 12.12
N ALA A 107 17.55 2.07 11.11
CA ALA A 107 18.00 0.70 11.36
C ALA A 107 19.27 0.34 10.60
N TYR A 108 20.07 -0.56 11.20
CA TYR A 108 21.11 -1.30 10.51
C TYR A 108 20.43 -2.36 9.66
N ASP A 109 20.94 -2.58 8.46
CA ASP A 109 20.43 -3.61 7.55
C ASP A 109 21.63 -4.45 7.13
N ILE A 110 21.78 -5.64 7.70
CA ILE A 110 22.93 -6.49 7.46
C ILE A 110 22.49 -7.69 6.63
N TRP A 111 23.18 -7.92 5.51
CA TRP A 111 22.84 -9.00 4.60
C TRP A 111 23.96 -10.02 4.48
N ASP A 112 23.61 -11.25 4.18
CA ASP A 112 24.66 -12.18 3.78
C ASP A 112 24.84 -12.09 2.28
N SER A 113 25.92 -12.69 1.77
CA SER A 113 26.24 -12.54 0.34
C SER A 113 25.14 -13.10 -0.55
N SER A 114 24.47 -14.17 -0.11
CA SER A 114 23.42 -14.80 -0.90
C SER A 114 22.08 -14.07 -0.80
N ASN A 115 21.95 -13.13 0.13
CA ASN A 115 20.70 -12.39 0.40
C ASN A 115 19.57 -13.32 0.83
N LYS A 116 19.89 -14.40 1.53
CA LYS A 116 18.89 -15.29 2.09
C LYS A 116 18.66 -15.01 3.56
N HIS A 117 19.50 -14.18 4.17
CA HIS A 117 19.36 -13.79 5.55
C HIS A 117 19.55 -12.29 5.68
N GLU A 118 18.59 -11.63 6.32
CA GLU A 118 18.62 -10.20 6.59
C GLU A 118 18.55 -9.99 8.10
N ILE A 119 19.51 -9.26 8.65
CA ILE A 119 19.54 -8.94 10.08
C ILE A 119 19.40 -7.42 10.26
N MET A 120 18.35 -7.00 10.97
CA MET A 120 18.04 -5.59 11.20
C MET A 120 18.29 -5.24 12.66
N LEU A 121 18.88 -4.08 12.90
CA LEU A 121 19.05 -3.55 14.24
C LEU A 121 18.43 -2.16 14.25
N TRP A 122 17.28 -2.02 14.92
CA TRP A 122 16.56 -0.74 15.02
C TRP A 122 17.10 0.07 16.19
N THR A 123 17.74 1.21 15.91
CA THR A 123 18.29 2.03 17.00
C THR A 123 17.29 3.06 17.53
N ASN A 124 16.52 3.72 16.65
CA ASN A 124 15.50 4.69 17.07
C ASN A 124 14.34 4.56 16.09
N TYR A 125 13.12 4.61 16.60
CA TYR A 125 11.97 4.31 15.77
C TYR A 125 10.74 4.95 16.42
N THR A 126 9.66 5.01 15.65
CA THR A 126 8.44 5.63 16.17
C THR A 126 7.49 4.65 16.83
N GLY A 127 7.71 3.35 16.70
CA GLY A 127 6.93 2.32 17.39
C GLY A 127 7.57 1.98 18.72
N ASN A 128 7.18 0.83 19.29
CA ASN A 128 7.73 0.40 20.58
C ASN A 128 8.51 -0.92 20.47
N SER A 129 9.42 -1.14 21.42
CA SER A 129 10.27 -2.34 21.43
C SER A 129 9.47 -3.63 21.61
N ASP A 130 8.24 -3.56 22.12
CA ASP A 130 7.42 -4.76 22.30
C ASP A 130 6.71 -5.22 21.02
N GLY A 131 6.95 -4.57 19.89
CA GLY A 131 6.35 -4.90 18.60
C GLY A 131 5.10 -4.13 18.22
N SER A 132 4.67 -3.14 19.01
CA SER A 132 3.50 -2.35 18.71
C SER A 132 3.93 -0.96 18.25
N GLY A 133 2.97 -0.22 17.67
CA GLY A 133 3.21 1.14 17.22
C GLY A 133 2.83 1.29 15.76
N ASN A 134 3.02 2.51 15.25
CA ASN A 134 2.73 2.77 13.85
C ASN A 134 3.76 2.15 12.89
N VAL A 135 4.90 1.66 13.39
CA VAL A 135 5.79 0.79 12.61
C VAL A 135 5.99 -0.47 13.43
N LYS A 136 6.12 -1.61 12.75
CA LYS A 136 6.31 -2.90 13.41
C LYS A 136 7.37 -3.71 12.69
N PRO A 137 8.12 -4.54 13.39
CA PRO A 137 9.11 -5.38 12.70
C PRO A 137 8.42 -6.48 11.91
N ILE A 138 9.15 -6.95 10.88
CA ILE A 138 8.71 -8.09 10.10
C ILE A 138 8.57 -9.28 11.03
N SER A 139 7.42 -9.96 10.95
CA SER A 139 7.12 -11.02 11.89
C SER A 139 6.13 -12.00 11.28
N TYR A 140 6.28 -13.28 11.63
CA TYR A 140 5.30 -14.31 11.25
C TYR A 140 4.01 -14.14 12.02
N HIS A 141 4.11 -13.79 13.31
CA HIS A 141 2.99 -13.82 14.25
C HIS A 141 2.75 -12.45 14.89
N TYR A 142 1.46 -12.16 15.12
CA TYR A 142 1.00 -10.93 15.74
C TYR A 142 0.02 -11.24 16.87
N ALA A 143 -0.02 -10.34 17.85
CA ALA A 143 -0.96 -10.44 18.96
C ALA A 143 -2.32 -9.89 18.53
N PRO A 144 -3.37 -10.22 19.28
CA PRO A 144 -4.70 -9.70 18.94
C PRO A 144 -4.77 -8.17 18.83
N SER A 145 -3.92 -7.45 19.59
CA SER A 145 -3.81 -6.00 19.48
C SER A 145 -3.08 -5.54 18.22
N GLY A 146 -2.50 -6.47 17.47
CA GLY A 146 -1.71 -6.23 16.29
C GLY A 146 -0.23 -6.01 16.52
N ALA A 147 0.26 -6.18 17.74
CA ALA A 147 1.70 -6.04 17.98
C ALA A 147 2.42 -7.30 17.50
N ALA A 148 3.58 -7.13 16.87
CA ALA A 148 4.38 -8.29 16.50
C ALA A 148 4.82 -9.00 17.77
N ILE A 149 4.89 -10.33 17.72
CA ILE A 149 5.25 -11.14 18.89
C ILE A 149 6.73 -11.42 18.87
N PRO A 150 7.49 -10.96 19.87
CA PRO A 150 8.93 -11.25 19.92
C PRO A 150 9.20 -12.73 20.13
N VAL A 151 10.27 -13.22 19.51
CA VAL A 151 10.70 -14.60 19.75
C VAL A 151 11.65 -14.68 20.95
N TYR A 152 12.39 -13.62 21.26
CA TYR A 152 13.22 -13.51 22.45
C TYR A 152 13.10 -12.10 22.98
N SER A 153 13.09 -11.96 24.30
CA SER A 153 12.93 -10.68 24.96
C SER A 153 14.16 -10.34 25.81
N ASN A 154 14.48 -9.04 25.85
CA ASN A 154 15.54 -8.46 26.69
C ASN A 154 16.88 -9.19 26.53
N VAL A 155 17.23 -9.42 25.28
CA VAL A 155 18.50 -10.08 24.99
C VAL A 155 19.61 -9.06 25.07
N ASN A 156 20.63 -9.34 25.87
CA ASN A 156 21.78 -8.45 25.98
C ASN A 156 22.89 -9.02 25.13
N VAL A 157 23.16 -8.38 24.00
CA VAL A 157 24.19 -8.81 23.05
C VAL A 157 24.75 -7.58 22.35
N GLY A 158 26.01 -7.68 21.94
CA GLY A 158 26.66 -6.66 21.12
C GLY A 158 26.60 -5.23 21.66
N GLY A 159 26.59 -5.09 22.98
CA GLY A 159 26.63 -3.79 23.61
C GLY A 159 25.31 -3.15 23.94
N ALA A 160 24.20 -3.88 23.90
CA ALA A 160 22.89 -3.30 24.17
C ALA A 160 21.91 -4.42 24.47
N THR A 161 20.71 -4.02 24.92
CA THR A 161 19.61 -4.94 25.17
C THR A 161 18.58 -4.79 24.06
N TRP A 162 18.09 -5.92 23.55
CA TRP A 162 17.22 -5.91 22.39
C TRP A 162 16.06 -6.86 22.59
N ASN A 163 15.00 -6.61 21.83
CA ASN A 163 13.91 -7.57 21.59
C ASN A 163 14.06 -8.11 20.18
N VAL A 164 13.95 -9.44 20.02
CA VAL A 164 14.24 -10.13 18.78
C VAL A 164 12.94 -10.61 18.14
N PHE A 165 12.82 -10.37 16.82
CA PHE A 165 11.65 -10.74 16.05
C PHE A 165 12.06 -11.57 14.84
N GLU A 166 11.16 -12.46 14.40
CA GLU A 166 11.42 -13.34 13.28
C GLU A 166 10.31 -13.32 12.24
N GLY A 167 10.70 -13.20 10.98
CA GLY A 167 9.77 -13.15 9.89
C GLY A 167 10.43 -13.55 8.58
N GLU A 168 9.66 -13.42 7.51
CA GLU A 168 10.06 -13.75 6.16
C GLU A 168 9.75 -12.59 5.21
N GLY A 169 10.64 -12.34 4.25
CA GLY A 169 10.36 -11.37 3.20
C GLY A 169 9.56 -12.00 2.06
N PRO A 170 9.15 -11.17 1.08
CA PRO A 170 8.31 -11.67 -0.04
C PRO A 170 8.95 -12.72 -0.92
N ASP A 171 10.28 -12.78 -1.00
CA ASP A 171 10.98 -13.82 -1.75
C ASP A 171 11.41 -14.98 -0.86
N GLY A 172 10.79 -15.12 0.32
CA GLY A 172 11.07 -16.19 1.26
C GLY A 172 12.36 -16.07 2.06
N HIS A 173 13.07 -14.96 1.97
CA HIS A 173 14.30 -14.82 2.72
C HIS A 173 14.01 -14.49 4.19
N LYS A 174 14.83 -15.05 5.08
CA LYS A 174 14.66 -14.88 6.53
C LYS A 174 15.03 -13.47 7.00
N VAL A 175 14.19 -12.90 7.87
CA VAL A 175 14.48 -11.59 8.46
C VAL A 175 14.48 -11.72 9.98
N ILE A 176 15.61 -11.41 10.60
CA ILE A 176 15.74 -11.36 12.05
C ILE A 176 15.95 -9.89 12.41
N SER A 177 15.05 -9.34 13.24
CA SER A 177 15.09 -7.93 13.61
C SER A 177 15.30 -7.76 15.11
N LEU A 178 16.25 -6.92 15.49
CA LEU A 178 16.49 -6.58 16.90
C LEU A 178 16.09 -5.13 17.11
N LEU A 179 15.17 -4.90 18.04
CA LEU A 179 14.70 -3.55 18.38
C LEU A 179 15.32 -3.21 19.73
N ARG A 180 16.08 -2.11 19.78
CA ARG A 180 16.69 -1.72 21.05
C ARG A 180 15.62 -1.42 22.08
N THR A 181 15.74 -2.04 23.26
CA THR A 181 14.76 -1.80 24.33
C THR A 181 14.81 -0.37 24.82
N SER A 182 15.98 0.27 24.74
CA SER A 182 16.14 1.70 24.98
C SER A 182 16.61 2.37 23.68
N LYS A 183 15.80 3.27 23.14
CA LYS A 183 16.17 3.94 21.91
C LYS A 183 17.32 4.90 22.16
N THR A 184 18.18 5.07 21.16
CA THR A 184 19.33 5.95 21.27
C THR A 184 19.62 6.58 19.91
N ASN A 185 20.30 7.75 19.93
CA ASN A 185 20.74 8.42 18.71
C ASN A 185 22.25 8.40 18.53
N SER A 186 22.99 7.78 19.42
CA SER A 186 24.42 7.58 19.22
C SER A 186 24.83 6.33 19.98
N GLY A 187 25.79 5.60 19.43
CA GLY A 187 26.21 4.36 20.05
C GLY A 187 27.14 3.59 19.13
N THR A 188 27.49 2.39 19.57
CA THR A 188 28.38 1.48 18.84
C THR A 188 27.83 0.07 18.95
N VAL A 189 27.77 -0.64 17.83
CA VAL A 189 27.26 -2.01 17.81
C VAL A 189 28.37 -2.97 17.44
N ASP A 190 28.42 -4.10 18.14
CA ASP A 190 29.35 -5.18 17.84
C ASP A 190 28.57 -6.17 16.99
N ILE A 191 28.66 -5.97 15.68
CA ILE A 191 27.90 -6.79 14.74
C ILE A 191 28.40 -8.24 14.77
N LYS A 192 29.71 -8.44 14.90
CA LYS A 192 30.26 -9.79 14.92
C LYS A 192 29.58 -10.63 16.00
N SER A 193 29.51 -10.09 17.23
CA SER A 193 28.89 -10.78 18.36
C SER A 193 27.40 -11.00 18.16
N ILE A 194 26.70 -10.02 17.55
CA ILE A 194 25.26 -10.19 17.32
C ILE A 194 25.03 -11.32 16.34
N LEU A 195 25.80 -11.37 15.25
CA LEU A 195 25.68 -12.47 14.30
C LEU A 195 26.05 -13.80 14.96
N GLN A 196 27.04 -13.79 15.86
CA GLN A 196 27.44 -15.01 16.55
C GLN A 196 26.30 -15.52 17.43
N TRP A 197 25.61 -14.60 18.12
CA TRP A 197 24.46 -15.00 18.95
C TRP A 197 23.31 -15.55 18.11
N ILE A 198 23.05 -14.94 16.94
CA ILE A 198 21.99 -15.43 16.07
C ILE A 198 22.33 -16.81 15.52
N LYS A 199 23.61 -17.03 15.19
CA LYS A 199 24.05 -18.36 14.77
C LYS A 199 23.84 -19.39 15.88
N SER A 200 24.12 -18.99 17.14
CA SER A 200 23.96 -19.90 18.29
C SER A 200 22.52 -20.32 18.53
N LYS A 201 21.54 -19.55 18.06
CA LYS A 201 20.15 -19.98 18.12
C LYS A 201 19.74 -20.76 16.89
N GLY A 202 20.67 -21.00 15.97
CA GLY A 202 20.46 -21.87 14.83
C GLY A 202 19.78 -21.27 13.62
N TYR A 203 19.70 -19.94 13.51
CA TYR A 203 19.07 -19.33 12.33
C TYR A 203 19.91 -19.50 11.07
N PHE A 204 21.24 -19.52 11.20
CA PHE A 204 22.14 -19.76 10.07
C PHE A 204 23.44 -20.34 10.60
N GLY A 205 24.28 -20.81 9.68
CA GLY A 205 25.59 -21.37 9.98
C GLY A 205 26.71 -20.34 9.85
N ASP A 206 27.86 -20.76 9.31
CA ASP A 206 28.98 -19.86 9.07
C ASP A 206 28.65 -19.02 7.83
N ILE A 207 27.86 -17.99 8.08
CA ILE A 207 27.36 -17.11 7.06
C ILE A 207 28.50 -16.28 6.47
N GLU A 208 28.48 -16.07 5.16
CA GLU A 208 29.39 -15.10 4.54
C GLU A 208 28.72 -13.73 4.59
N VAL A 209 29.27 -12.84 5.42
CA VAL A 209 28.75 -11.50 5.61
C VAL A 209 28.96 -10.69 4.33
N GLY A 210 27.88 -10.19 3.76
CA GLY A 210 27.89 -9.46 2.50
C GLY A 210 27.95 -7.96 2.70
N SER A 211 26.84 -7.36 3.14
CA SER A 211 26.75 -5.91 3.25
C SER A 211 26.28 -5.47 4.63
N VAL A 212 26.87 -4.38 5.14
CA VAL A 212 26.39 -3.71 6.34
C VAL A 212 25.78 -2.38 5.88
N GLN A 213 24.48 -2.20 6.10
CA GLN A 213 23.79 -0.98 5.69
C GLN A 213 23.23 -0.21 6.89
N TYR A 214 23.06 1.11 6.71
CA TYR A 214 22.43 1.94 7.73
C TYR A 214 21.63 3.07 7.10
N GLY A 215 20.40 3.27 7.58
CA GLY A 215 19.55 4.32 7.03
C GLY A 215 18.24 4.38 7.77
N VAL A 216 17.20 4.88 7.10
CA VAL A 216 15.87 4.98 7.69
C VAL A 216 14.80 4.42 6.75
N GLU A 217 13.98 3.49 7.25
CA GLU A 217 12.82 3.00 6.50
C GLU A 217 11.66 3.93 6.82
N ILE A 218 11.22 4.72 5.84
CA ILE A 218 10.18 5.72 6.08
C ILE A 218 8.84 5.19 5.63
N THR A 219 7.90 5.11 6.57
CA THR A 219 6.53 4.80 6.20
C THR A 219 5.73 6.08 6.00
N SER A 220 5.88 7.06 6.88
CA SER A 220 5.17 8.33 6.74
C SER A 220 6.02 9.48 7.27
N SER A 221 6.09 10.59 6.52
CA SER A 221 6.76 11.79 7.01
C SER A 221 6.09 13.03 6.40
N PRO A 222 4.78 13.17 6.54
CA PRO A 222 4.07 14.22 5.79
C PRO A 222 4.54 15.60 6.19
N GLY A 223 4.74 16.46 5.21
CA GLY A 223 5.30 17.78 5.44
C GLY A 223 6.80 17.80 5.34
N GLY A 224 7.42 16.63 5.19
CA GLY A 224 8.86 16.55 5.08
C GLY A 224 9.50 16.40 6.45
N LYS A 225 10.37 15.42 6.61
CA LYS A 225 11.12 15.27 7.85
C LYS A 225 12.58 14.99 7.51
N ASN A 226 13.46 15.52 8.35
CA ASN A 226 14.89 15.52 8.09
C ASN A 226 15.59 14.54 9.02
N PHE A 227 16.56 13.80 8.46
CA PHE A 227 17.39 12.87 9.22
C PHE A 227 18.85 13.16 8.93
N ASN A 228 19.63 13.48 9.95
CA ASN A 228 21.05 13.75 9.80
C ASN A 228 21.87 12.61 10.41
N PHE A 229 22.82 12.10 9.64
CA PHE A 229 23.70 11.05 10.15
C PHE A 229 25.04 11.78 10.21
N ASN A 230 25.38 12.25 11.41
CA ASN A 230 26.57 13.08 11.57
C ASN A 230 27.82 12.25 11.56
N ASN A 231 27.72 11.00 12.02
CA ASN A 231 28.82 10.09 11.83
C ASN A 231 28.26 8.71 11.57
N TRP A 232 28.94 7.99 10.67
CA TRP A 232 28.70 6.56 10.45
C TRP A 232 29.99 5.95 9.93
N SER A 233 30.49 4.93 10.61
CA SER A 233 31.73 4.27 10.21
C SER A 233 31.58 2.78 10.48
N VAL A 234 32.33 1.96 9.73
CA VAL A 234 32.39 0.52 9.94
C VAL A 234 33.85 0.13 10.11
N THR A 235 34.12 -0.71 11.11
CA THR A 235 35.44 -1.26 11.36
C THR A 235 35.39 -2.75 11.08
N SER A 236 36.03 -3.18 10.00
CA SER A 236 36.07 -4.59 9.61
C SER A 236 37.51 -5.09 9.65
N LYS A 237 37.78 -6.08 10.49
CA LYS A 237 39.11 -6.70 10.56
C LYS A 237 39.02 -8.23 10.68
N SER B 21 5.61 11.53 -11.43
CA SER B 21 5.52 10.11 -11.44
C SER B 21 4.07 9.85 -11.68
N SER B 22 3.80 8.71 -12.26
CA SER B 22 2.44 8.28 -12.57
C SER B 22 2.44 6.78 -12.48
N HIS B 23 1.36 6.24 -11.91
CA HIS B 23 1.07 4.82 -11.99
C HIS B 23 -0.11 4.57 -12.92
N ALA B 24 -0.62 5.61 -13.57
CA ALA B 24 -1.70 5.42 -14.52
C ALA B 24 -1.15 4.64 -15.71
N PRO B 25 -1.90 3.65 -16.21
CA PRO B 25 -1.37 2.79 -17.28
C PRO B 25 -0.86 3.57 -18.48
N TYR B 26 -1.53 4.66 -18.86
CA TYR B 26 -1.11 5.47 -19.99
C TYR B 26 -0.70 6.89 -19.56
N GLY B 27 -0.33 7.05 -18.29
CA GLY B 27 0.14 8.34 -17.82
C GLY B 27 1.32 8.85 -18.63
N SER B 28 1.30 10.16 -18.94
CA SER B 28 2.30 10.79 -19.81
C SER B 28 2.70 12.17 -19.29
N PHE B 29 3.90 12.58 -19.68
CA PHE B 29 4.52 13.87 -19.36
C PHE B 29 5.31 14.31 -20.57
N SER B 30 5.34 15.63 -20.79
CA SER B 30 6.10 16.25 -21.90
C SER B 30 6.92 17.43 -21.39
N ARG B 31 8.20 17.51 -21.71
CA ARG B 31 8.94 18.74 -21.37
C ARG B 31 9.63 19.23 -22.63
N ASP B 32 9.20 20.39 -23.13
CA ASP B 32 9.78 20.92 -24.38
C ASP B 32 9.66 19.83 -25.44
N GLY B 33 10.75 19.43 -26.07
CA GLY B 33 10.69 18.38 -27.09
C GLY B 33 10.29 16.98 -26.64
N TYR B 34 10.73 16.53 -25.48
CA TYR B 34 10.53 15.10 -25.11
C TYR B 34 9.25 14.78 -24.33
N SER B 35 8.79 13.55 -24.49
CA SER B 35 7.64 13.05 -23.74
C SER B 35 7.98 11.72 -23.08
N TRP B 36 7.29 11.42 -21.98
CA TRP B 36 7.48 10.18 -21.24
C TRP B 36 6.14 9.47 -21.11
N ASN B 37 6.13 8.14 -21.33
CA ASN B 37 4.88 7.38 -21.29
C ASN B 37 5.05 6.10 -20.49
N ASN B 38 4.13 5.89 -19.52
CA ASN B 38 4.16 4.70 -18.67
C ASN B 38 3.85 3.44 -19.46
N ASP B 39 2.99 3.57 -20.48
CA ASP B 39 2.58 2.51 -21.39
C ASP B 39 2.47 1.11 -20.80
N VAL B 40 1.56 0.90 -19.85
CA VAL B 40 1.27 -0.42 -19.32
C VAL B 40 0.11 -0.95 -20.17
N TRP B 41 0.35 -1.97 -20.99
CA TRP B 41 -0.67 -2.41 -21.93
C TRP B 41 -0.97 -3.89 -21.90
N GLY B 42 -0.22 -4.71 -21.16
CA GLY B 42 -0.60 -6.09 -21.01
C GLY B 42 -1.92 -6.20 -20.28
N PRO B 43 -2.62 -7.31 -20.48
CA PRO B 43 -3.94 -7.47 -19.85
C PRO B 43 -3.88 -7.64 -18.33
N ARG B 44 -2.95 -8.48 -17.84
CA ARG B 44 -2.86 -8.81 -16.42
C ARG B 44 -1.49 -8.42 -15.89
N PRO B 45 -1.24 -7.11 -15.77
CA PRO B 45 0.06 -6.62 -15.33
C PRO B 45 0.11 -6.51 -13.81
N GLY B 46 1.32 -6.32 -13.31
CA GLY B 46 1.58 -5.93 -11.94
C GLY B 46 1.75 -4.43 -11.85
N PRO B 47 1.88 -3.89 -10.63
CA PRO B 47 2.02 -2.43 -10.47
C PRO B 47 3.28 -1.89 -11.12
N GLN B 48 3.20 -0.61 -11.54
CA GLN B 48 4.32 0.07 -12.20
C GLN B 48 4.19 1.57 -12.02
N THR B 49 5.33 2.22 -11.76
CA THR B 49 5.38 3.67 -11.59
C THR B 49 6.55 4.24 -12.38
N ILE B 50 6.28 5.24 -13.22
CA ILE B 50 7.31 5.97 -13.96
C ILE B 50 7.59 7.28 -13.24
N SER B 51 8.87 7.66 -13.13
CA SER B 51 9.28 8.91 -12.47
C SER B 51 10.16 9.67 -13.45
N VAL B 52 9.87 10.96 -13.64
CA VAL B 52 10.59 11.80 -14.60
C VAL B 52 11.28 12.92 -13.84
N SER B 53 12.59 12.97 -13.99
CA SER B 53 13.44 13.92 -13.33
C SER B 53 14.04 14.92 -14.34
N GLY B 54 13.57 14.86 -15.58
CA GLY B 54 14.03 15.65 -16.71
C GLY B 54 14.66 14.75 -17.77
N VAL B 55 15.05 15.37 -18.89
CA VAL B 55 15.65 14.58 -19.97
C VAL B 55 16.95 13.95 -19.51
N ASN B 56 17.57 14.49 -18.44
CA ASN B 56 18.80 13.85 -17.99
C ASN B 56 18.53 12.64 -17.12
N ARG B 57 17.31 12.49 -16.59
CA ARG B 57 17.05 11.38 -15.69
C ARG B 57 15.57 11.02 -15.68
N TRP B 58 15.26 9.75 -15.89
CA TRP B 58 13.94 9.22 -15.63
C TRP B 58 14.14 7.76 -15.23
N SER B 59 13.13 7.20 -14.57
CA SER B 59 13.23 5.83 -14.09
C SER B 59 11.84 5.24 -14.02
N VAL B 60 11.80 3.93 -13.89
CA VAL B 60 10.54 3.22 -13.72
C VAL B 60 10.75 2.05 -12.75
N TRP B 61 9.83 1.90 -11.82
CA TRP B 61 9.79 0.77 -10.90
C TRP B 61 8.60 -0.08 -11.31
N SER B 62 8.82 -1.39 -11.42
CA SER B 62 7.79 -2.26 -11.96
C SER B 62 7.87 -3.65 -11.34
N ASP B 63 6.71 -4.19 -10.97
CA ASP B 63 6.61 -5.53 -10.38
C ASP B 63 5.70 -6.38 -11.26
N GLN B 64 6.29 -6.96 -12.35
CA GLN B 64 5.52 -7.76 -13.30
C GLN B 64 5.70 -9.22 -13.00
N PRO B 65 4.62 -10.00 -12.99
CA PRO B 65 4.69 -11.41 -12.58
C PRO B 65 5.36 -12.29 -13.63
N ASN B 66 5.70 -13.51 -13.20
CA ASN B 66 6.35 -14.50 -14.06
C ASN B 66 5.35 -15.20 -15.00
N THR B 67 4.76 -14.42 -15.89
CA THR B 67 3.78 -14.95 -16.82
C THR B 67 4.13 -14.50 -18.22
N PRO B 68 3.68 -15.22 -19.25
CA PRO B 68 4.07 -14.89 -20.62
C PRO B 68 3.52 -13.55 -21.07
N GLY B 69 4.24 -12.94 -22.01
CA GLY B 69 3.83 -11.76 -22.73
C GLY B 69 4.34 -10.47 -22.14
N ILE B 70 4.56 -9.49 -23.02
CA ILE B 70 5.02 -8.17 -22.60
C ILE B 70 3.90 -7.46 -21.85
N LYS B 71 4.22 -6.93 -20.68
CA LYS B 71 3.24 -6.21 -19.87
C LYS B 71 3.27 -4.71 -20.10
N SER B 72 4.44 -4.13 -20.38
CA SER B 72 4.58 -2.69 -20.45
C SER B 72 5.78 -2.32 -21.30
N TYR B 73 5.78 -1.09 -21.79
CA TYR B 73 6.93 -0.47 -22.45
C TYR B 73 7.08 0.97 -21.98
N PRO B 74 7.45 1.17 -20.72
CA PRO B 74 7.71 2.55 -20.25
C PRO B 74 8.82 3.15 -21.10
N HIS B 75 8.60 4.38 -21.56
CA HIS B 75 9.57 4.90 -22.53
C HIS B 75 9.53 6.41 -22.63
N VAL B 76 10.63 6.97 -23.15
CA VAL B 76 10.74 8.38 -23.54
C VAL B 76 10.64 8.44 -25.06
N ALA B 77 10.02 9.52 -25.58
CA ALA B 77 9.78 9.67 -27.01
C ALA B 77 10.15 11.06 -27.53
N PHE B 78 10.61 11.10 -28.78
CA PHE B 78 10.96 12.34 -29.48
C PHE B 78 10.49 12.23 -30.93
N ASN B 79 9.69 13.21 -31.37
CA ASN B 79 9.10 13.20 -32.70
C ASN B 79 10.05 13.80 -33.74
N ILE B 80 10.16 13.12 -34.89
CA ILE B 80 11.02 13.55 -35.99
C ILE B 80 10.15 14.16 -37.10
N GLY B 81 9.23 13.37 -37.65
CA GLY B 81 8.30 13.85 -38.66
C GLY B 81 8.88 14.35 -39.97
N LYS B 82 9.77 13.58 -40.55
CA LYS B 82 10.42 14.01 -41.80
C LYS B 82 10.69 12.77 -42.65
N PRO B 83 10.64 12.85 -43.99
CA PRO B 83 10.98 11.71 -44.82
C PRO B 83 12.45 11.37 -44.62
N LEU B 84 12.82 10.11 -44.78
CA LEU B 84 14.18 9.65 -44.48
C LEU B 84 15.21 10.41 -45.32
N SER B 85 14.90 10.65 -46.60
CA SER B 85 15.78 11.38 -47.53
C SER B 85 15.94 12.86 -47.15
N SER B 86 15.00 13.40 -46.38
CA SER B 86 15.00 14.79 -45.87
C SER B 86 15.84 14.90 -44.57
N ILE B 87 16.56 13.86 -44.16
CA ILE B 87 17.39 13.83 -42.91
C ILE B 87 18.88 13.93 -43.18
N ASN B 88 19.54 14.88 -42.53
CA ASN B 88 21.02 15.05 -42.68
C ASN B 88 21.71 14.27 -41.56
N THR B 89 21.11 14.27 -40.38
CA THR B 89 21.62 13.52 -39.24
C THR B 89 20.47 13.10 -38.34
N LEU B 90 20.47 11.83 -37.92
CA LEU B 90 19.52 11.35 -36.90
C LEU B 90 20.24 10.29 -36.06
N SER B 91 20.72 10.70 -34.89
CA SER B 91 21.40 9.78 -33.99
C SER B 91 20.93 10.02 -32.55
N SER B 92 21.18 9.03 -31.68
CA SER B 92 20.72 9.08 -30.30
C SER B 92 21.76 8.45 -29.37
N SER B 93 21.85 9.02 -28.16
CA SER B 93 22.76 8.56 -27.12
C SER B 93 21.96 8.06 -25.94
N PHE B 94 22.41 6.94 -25.35
CA PHE B 94 21.69 6.34 -24.22
C PHE B 94 22.63 5.94 -23.10
N ASN B 95 22.14 6.07 -21.86
CA ASN B 95 22.83 5.58 -20.67
C ASN B 95 21.78 5.04 -19.69
N GLN B 96 21.93 3.80 -19.24
CA GLN B 96 20.93 3.18 -18.37
C GLN B 96 21.57 2.33 -17.28
N GLU B 97 20.79 2.09 -16.22
CA GLU B 97 21.12 1.17 -15.12
C GLU B 97 20.01 0.13 -15.00
N VAL B 98 20.38 -1.14 -15.01
CA VAL B 98 19.39 -2.22 -15.14
C VAL B 98 19.44 -3.13 -13.91
N PRO B 99 18.36 -3.81 -13.56
CA PRO B 99 18.40 -4.73 -12.42
C PRO B 99 18.97 -6.08 -12.82
N THR B 100 19.25 -6.91 -11.82
CA THR B 100 19.64 -8.29 -12.06
C THR B 100 18.39 -9.15 -12.01
N GLY B 101 18.23 -10.00 -13.03
CA GLY B 101 17.07 -10.86 -13.14
C GLY B 101 15.89 -10.25 -13.88
N GLY B 102 14.88 -11.09 -14.06
CA GLY B 102 13.66 -10.72 -14.75
C GLY B 102 13.69 -11.14 -16.20
N ALA B 103 12.64 -10.71 -16.91
CA ALA B 103 12.49 -10.98 -18.34
C ALA B 103 12.17 -9.65 -18.99
N TRP B 104 13.14 -9.07 -19.71
CA TRP B 104 12.94 -7.75 -20.29
C TRP B 104 14.00 -7.47 -21.36
N ASP B 105 13.73 -6.44 -22.16
CA ASP B 105 14.68 -5.94 -23.13
C ASP B 105 14.60 -4.42 -23.19
N VAL B 106 15.75 -3.77 -23.03
CA VAL B 106 15.90 -2.33 -23.21
C VAL B 106 16.10 -2.08 -24.69
N ALA B 107 15.22 -1.29 -25.31
CA ALA B 107 15.29 -1.15 -26.77
C ALA B 107 14.78 0.19 -27.27
N TYR B 108 15.32 0.59 -28.43
CA TYR B 108 14.78 1.68 -29.24
C TYR B 108 13.54 1.20 -29.99
N ASP B 109 12.53 2.07 -30.09
CA ASP B 109 11.30 1.81 -30.84
C ASP B 109 11.09 2.97 -31.82
N ILE B 110 11.44 2.71 -33.09
CA ILE B 110 11.36 3.76 -34.15
C ILE B 110 10.16 3.50 -35.06
N TRP B 111 9.27 4.46 -35.15
CA TRP B 111 8.02 4.30 -35.92
C TRP B 111 8.03 5.13 -37.19
N ASP B 112 7.44 4.56 -38.24
CA ASP B 112 7.42 5.13 -39.61
C ASP B 112 6.52 6.36 -39.76
N SER B 113 5.69 6.70 -38.77
CA SER B 113 4.74 7.85 -38.65
C SER B 113 3.32 7.50 -39.09
N SER B 114 3.18 6.49 -39.93
CA SER B 114 1.83 6.01 -40.26
C SER B 114 1.59 4.73 -39.45
N ASN B 115 2.55 4.39 -38.57
CA ASN B 115 2.56 3.24 -37.65
C ASN B 115 2.41 1.95 -38.45
N LYS B 116 3.06 1.87 -39.61
CA LYS B 116 3.03 0.63 -40.43
C LYS B 116 4.40 0.00 -40.35
N HIS B 117 5.40 0.76 -39.92
CA HIS B 117 6.76 0.18 -39.80
C HIS B 117 7.30 0.45 -38.39
N GLU B 118 7.75 -0.60 -37.70
CA GLU B 118 8.38 -0.48 -36.39
C GLU B 118 9.77 -1.09 -36.45
N ILE B 119 10.77 -0.31 -36.04
CA ILE B 119 12.17 -0.76 -36.03
C ILE B 119 12.65 -0.75 -34.58
N MET B 120 13.08 -1.90 -34.08
CA MET B 120 13.57 -2.05 -32.72
C MET B 120 15.07 -2.30 -32.68
N LEU B 121 15.76 -1.64 -31.76
CA LEU B 121 17.17 -1.85 -31.51
C LEU B 121 17.33 -2.22 -30.04
N TRP B 122 17.59 -3.50 -29.75
CA TRP B 122 17.73 -3.98 -28.37
C TRP B 122 19.19 -3.76 -27.94
N THR B 123 19.38 -2.87 -26.98
CA THR B 123 20.72 -2.55 -26.49
C THR B 123 21.16 -3.50 -25.37
N ASN B 124 20.26 -3.83 -24.45
CA ASN B 124 20.53 -4.76 -23.36
C ASN B 124 19.26 -5.54 -23.07
N TYR B 125 19.40 -6.83 -22.82
CA TYR B 125 18.22 -7.68 -22.63
C TYR B 125 18.64 -8.91 -21.83
N THR B 126 17.63 -9.63 -21.37
CA THR B 126 17.80 -10.84 -20.57
C THR B 126 17.87 -12.10 -21.42
N GLY B 127 17.53 -12.01 -22.71
CA GLY B 127 17.64 -13.11 -23.65
C GLY B 127 19.01 -13.13 -24.30
N ASN B 128 19.12 -13.85 -25.41
CA ASN B 128 20.37 -13.96 -26.15
C ASN B 128 20.25 -13.36 -27.54
N SER B 129 21.40 -12.99 -28.10
CA SER B 129 21.45 -12.39 -29.45
C SER B 129 20.98 -13.34 -30.54
N ASP B 130 21.02 -14.66 -30.32
CA ASP B 130 20.56 -15.61 -31.33
C ASP B 130 19.05 -15.83 -31.32
N GLY B 131 18.30 -15.14 -30.45
CA GLY B 131 16.88 -15.33 -30.40
C GLY B 131 16.38 -16.32 -29.38
N SER B 132 17.24 -16.85 -28.53
CA SER B 132 16.79 -17.73 -27.46
C SER B 132 16.88 -16.97 -26.14
N GLY B 133 16.16 -17.47 -25.15
CA GLY B 133 16.12 -16.88 -23.82
C GLY B 133 14.70 -16.59 -23.40
N ASN B 134 14.58 -16.00 -22.20
CA ASN B 134 13.24 -15.68 -21.68
C ASN B 134 12.55 -14.53 -22.42
N VAL B 135 13.27 -13.73 -23.20
CA VAL B 135 12.66 -12.78 -24.12
C VAL B 135 13.15 -13.09 -25.54
N LYS B 136 12.25 -12.95 -26.52
CA LYS B 136 12.59 -13.21 -27.90
C LYS B 136 12.03 -12.13 -28.82
N PRO B 137 12.74 -11.79 -29.89
CA PRO B 137 12.21 -10.80 -30.83
C PRO B 137 11.03 -11.36 -31.62
N ILE B 138 10.18 -10.44 -32.10
CA ILE B 138 9.06 -10.83 -32.94
C ILE B 138 9.62 -11.45 -34.20
N SER B 139 9.14 -12.63 -34.58
CA SER B 139 9.72 -13.29 -35.78
C SER B 139 8.67 -14.11 -36.53
N TYR B 140 8.90 -14.32 -37.83
CA TYR B 140 8.05 -15.18 -38.68
C TYR B 140 8.27 -16.66 -38.35
N HIS B 141 9.52 -17.08 -38.19
CA HIS B 141 9.78 -18.53 -37.97
C HIS B 141 10.67 -18.73 -36.76
N TYR B 142 10.52 -19.86 -36.07
CA TYR B 142 11.32 -20.13 -34.85
C TYR B 142 12.06 -21.46 -34.96
N ALA B 147 13.02 -20.77 -29.93
CA ALA B 147 14.11 -19.79 -30.17
C ALA B 147 13.99 -19.21 -31.56
N ALA B 148 14.21 -17.90 -31.70
CA ALA B 148 14.02 -17.13 -32.94
C ALA B 148 15.16 -17.29 -33.96
N ILE B 149 14.85 -17.08 -35.24
CA ILE B 149 15.87 -17.23 -36.32
C ILE B 149 16.07 -15.90 -37.06
N PRO B 150 17.31 -15.40 -37.11
CA PRO B 150 17.62 -14.14 -37.77
C PRO B 150 17.45 -14.03 -39.29
N VAL B 151 17.11 -12.85 -39.77
CA VAL B 151 17.01 -12.61 -41.23
C VAL B 151 18.36 -12.09 -41.72
N TYR B 152 19.24 -11.69 -40.79
CA TYR B 152 20.61 -11.37 -41.17
C TYR B 152 21.46 -11.53 -39.94
N SER B 153 22.67 -12.01 -40.13
CA SER B 153 23.45 -12.36 -38.97
C SER B 153 24.75 -11.52 -38.96
N ASN B 154 25.10 -11.04 -37.78
CA ASN B 154 26.27 -10.18 -37.48
C ASN B 154 26.38 -9.01 -38.45
N VAL B 155 25.32 -8.25 -38.66
CA VAL B 155 25.39 -7.15 -39.61
C VAL B 155 25.93 -5.92 -38.88
N ASN B 156 26.91 -5.23 -39.47
CA ASN B 156 27.52 -4.03 -38.85
C ASN B 156 26.95 -2.74 -39.45
N VAL B 157 26.13 -2.01 -38.67
CA VAL B 157 25.57 -0.75 -39.12
C VAL B 157 25.33 0.15 -37.90
N GLY B 158 25.35 1.46 -38.13
CA GLY B 158 25.07 2.44 -37.08
C GLY B 158 25.94 2.36 -35.84
N GLY B 159 27.19 1.94 -35.99
CA GLY B 159 28.13 1.95 -34.87
C GLY B 159 28.15 0.70 -34.01
N ALA B 160 27.53 -0.39 -34.45
CA ALA B 160 27.50 -1.60 -33.66
C ALA B 160 27.21 -2.78 -34.58
N THR B 161 27.35 -3.98 -34.02
CA THR B 161 27.04 -5.23 -34.71
C THR B 161 25.75 -5.82 -34.16
N TRP B 162 24.84 -6.22 -35.05
CA TRP B 162 23.50 -6.66 -34.69
C TRP B 162 23.11 -7.93 -35.42
N ASN B 163 22.16 -8.66 -34.84
CA ASN B 163 21.44 -9.73 -35.53
C ASN B 163 20.04 -9.25 -35.81
N VAL B 164 19.60 -9.44 -37.06
CA VAL B 164 18.37 -8.82 -37.56
C VAL B 164 17.26 -9.85 -37.57
N PHE B 165 16.09 -9.45 -37.10
CA PHE B 165 14.91 -10.32 -37.09
C PHE B 165 13.75 -9.57 -37.73
N GLU B 166 12.86 -10.33 -38.37
CA GLU B 166 11.74 -9.76 -39.08
C GLU B 166 10.49 -10.51 -38.69
N GLY B 167 9.41 -9.79 -38.40
CA GLY B 167 8.23 -10.48 -37.85
C GLY B 167 6.89 -9.82 -38.05
N GLU B 168 5.88 -10.60 -37.70
CA GLU B 168 4.42 -10.37 -37.88
C GLU B 168 3.80 -9.20 -37.11
N GLY B 169 4.04 -9.05 -35.81
CA GLY B 169 3.43 -7.94 -35.04
C GLY B 169 2.09 -8.30 -34.40
N PRO B 170 1.62 -7.64 -33.32
CA PRO B 170 0.34 -7.95 -32.70
C PRO B 170 -0.74 -7.62 -33.72
N ASP B 171 -0.65 -6.43 -34.30
CA ASP B 171 -1.55 -6.08 -35.43
C ASP B 171 -0.76 -6.34 -36.74
N GLY B 172 -1.31 -6.03 -37.91
CA GLY B 172 -0.63 -6.45 -39.14
C GLY B 172 0.78 -5.95 -39.34
N HIS B 173 1.06 -4.74 -38.88
CA HIS B 173 2.30 -3.97 -39.20
C HIS B 173 3.57 -4.76 -38.97
N LYS B 174 4.49 -4.59 -39.92
CA LYS B 174 5.80 -5.25 -39.99
C LYS B 174 6.72 -4.74 -38.90
N VAL B 175 7.51 -5.65 -38.34
CA VAL B 175 8.49 -5.22 -37.31
C VAL B 175 9.85 -5.81 -37.62
N ILE B 176 10.88 -4.98 -37.68
CA ILE B 176 12.25 -5.46 -37.84
C ILE B 176 13.00 -5.11 -36.55
N SER B 177 13.61 -6.11 -35.91
CA SER B 177 14.27 -5.96 -34.61
C SER B 177 15.77 -6.25 -34.75
N LEU B 178 16.58 -5.37 -34.17
CA LEU B 178 18.05 -5.49 -34.17
C LEU B 178 18.51 -5.83 -32.77
N LEU B 179 19.25 -6.92 -32.61
CA LEU B 179 19.75 -7.32 -31.30
C LEU B 179 21.26 -7.11 -31.23
N ARG B 180 21.72 -6.32 -30.27
CA ARG B 180 23.16 -6.08 -30.13
C ARG B 180 23.87 -7.37 -29.80
N THR B 181 24.92 -7.68 -30.56
CA THR B 181 25.69 -8.90 -30.32
C THR B 181 26.42 -8.82 -28.98
N SER B 182 26.85 -7.62 -28.61
CA SER B 182 27.46 -7.33 -27.31
C SER B 182 26.52 -6.38 -26.57
N LYS B 183 25.98 -6.84 -25.43
CA LYS B 183 25.05 -6.00 -24.68
C LYS B 183 25.79 -4.83 -24.03
N THR B 184 25.12 -3.68 -23.97
CA THR B 184 25.73 -2.51 -23.36
C THR B 184 24.67 -1.65 -22.68
N ASN B 185 25.12 -0.84 -21.72
CA ASN B 185 24.25 0.09 -21.01
C ASN B 185 24.52 1.54 -21.36
N SER B 186 25.47 1.80 -22.28
CA SER B 186 25.75 3.14 -22.75
C SER B 186 26.26 3.03 -24.17
N GLY B 187 25.94 4.02 -24.98
CA GLY B 187 26.36 4.00 -26.36
C GLY B 187 25.68 5.08 -27.17
N THR B 188 25.92 5.02 -28.47
CA THR B 188 25.35 5.92 -29.46
C THR B 188 24.97 5.13 -30.70
N VAL B 189 23.76 5.35 -31.20
CA VAL B 189 23.27 4.67 -32.39
C VAL B 189 23.07 5.69 -33.51
N ASP B 190 23.46 5.31 -34.73
CA ASP B 190 23.24 6.12 -35.93
C ASP B 190 21.96 5.58 -36.55
N ILE B 191 20.84 6.20 -36.18
CA ILE B 191 19.54 5.70 -36.62
C ILE B 191 19.36 5.86 -38.13
N LYS B 192 19.88 6.96 -38.69
CA LYS B 192 19.78 7.19 -40.13
C LYS B 192 20.47 6.08 -40.92
N SER B 193 21.70 5.71 -40.54
CA SER B 193 22.40 4.65 -41.25
C SER B 193 21.68 3.31 -41.12
N ILE B 194 21.12 3.02 -39.94
CA ILE B 194 20.38 1.77 -39.74
C ILE B 194 19.13 1.76 -40.60
N LEU B 195 18.39 2.87 -40.63
CA LEU B 195 17.21 2.96 -41.48
C LEU B 195 17.59 2.90 -42.96
N GLN B 196 18.72 3.50 -43.33
CA GLN B 196 19.19 3.44 -44.72
C GLN B 196 19.53 2.01 -45.12
N TRP B 197 20.20 1.28 -44.24
CA TRP B 197 20.55 -0.11 -44.54
C TRP B 197 19.31 -0.96 -44.69
N ILE B 198 18.30 -0.72 -43.87
CA ILE B 198 17.06 -1.50 -43.96
C ILE B 198 16.36 -1.21 -45.28
N LYS B 199 16.42 0.04 -45.74
CA LYS B 199 15.90 0.37 -47.06
C LYS B 199 16.63 -0.38 -48.16
N SER B 200 17.95 -0.54 -48.01
CA SER B 200 18.76 -1.24 -49.01
C SER B 200 18.36 -2.70 -49.16
N LYS B 201 17.74 -3.29 -48.13
CA LYS B 201 17.18 -4.63 -48.23
C LYS B 201 15.73 -4.60 -48.69
N GLY B 202 15.20 -3.41 -49.01
CA GLY B 202 13.90 -3.29 -49.62
C GLY B 202 12.72 -3.42 -48.69
N TYR B 203 12.95 -3.31 -47.38
CA TYR B 203 11.84 -3.45 -46.42
C TYR B 203 10.84 -2.31 -46.52
N PHE B 204 11.30 -1.11 -46.86
CA PHE B 204 10.40 0.02 -47.06
C PHE B 204 11.06 1.04 -47.97
N GLY B 205 10.27 2.01 -48.40
CA GLY B 205 10.75 3.08 -49.26
C GLY B 205 11.19 4.28 -48.46
N ASP B 206 11.02 5.47 -49.05
CA ASP B 206 11.42 6.70 -48.35
C ASP B 206 10.35 7.03 -47.31
N ILE B 207 10.40 6.28 -46.19
CA ILE B 207 9.42 6.44 -45.13
C ILE B 207 9.62 7.78 -44.43
N GLU B 208 8.51 8.37 -43.99
CA GLU B 208 8.58 9.56 -43.18
C GLU B 208 8.78 9.12 -41.73
N VAL B 209 9.99 9.36 -41.19
CA VAL B 209 10.31 8.95 -39.83
C VAL B 209 9.42 9.71 -38.87
N GLY B 210 8.66 8.98 -38.06
CA GLY B 210 7.71 9.56 -37.13
C GLY B 210 8.29 9.76 -35.74
N SER B 211 8.40 8.69 -34.96
CA SER B 211 8.79 8.78 -33.56
C SER B 211 10.01 7.94 -33.27
N VAL B 212 10.92 8.49 -32.44
CA VAL B 212 12.04 7.74 -31.89
C VAL B 212 11.77 7.56 -30.40
N GLN B 213 11.57 6.32 -29.97
CA GLN B 213 11.28 6.03 -28.56
C GLN B 213 12.38 5.18 -27.96
N TYR B 214 12.54 5.28 -26.64
CA TYR B 214 13.50 4.46 -25.91
C TYR B 214 12.95 4.11 -24.53
N GLY B 215 13.06 2.83 -24.17
CA GLY B 215 12.59 2.33 -22.90
C GLY B 215 12.87 0.85 -22.73
N VAL B 216 12.07 0.18 -21.90
CA VAL B 216 12.24 -1.23 -21.61
C VAL B 216 10.89 -1.93 -21.75
N GLU B 217 10.86 -3.02 -22.51
CA GLU B 217 9.70 -3.90 -22.62
C GLU B 217 9.80 -4.91 -21.49
N ILE B 218 8.90 -4.82 -20.51
CA ILE B 218 8.96 -5.67 -19.34
C ILE B 218 7.97 -6.81 -19.48
N THR B 219 8.49 -8.03 -19.44
CA THR B 219 7.68 -9.24 -19.36
C THR B 219 7.53 -9.68 -17.90
N SER B 220 8.64 -9.70 -17.14
CA SER B 220 8.64 -10.09 -15.74
C SER B 220 9.64 -9.27 -14.92
N SER B 221 9.24 -8.85 -13.72
CA SER B 221 10.16 -8.23 -12.78
C SER B 221 9.67 -8.50 -11.36
N PRO B 222 9.55 -9.78 -10.99
CA PRO B 222 8.89 -10.17 -9.74
C PRO B 222 9.58 -9.58 -8.50
N GLY B 223 8.76 -9.05 -7.59
CA GLY B 223 9.23 -8.41 -6.39
C GLY B 223 9.47 -6.92 -6.51
N GLY B 224 9.33 -6.36 -7.72
CA GLY B 224 9.55 -4.95 -7.97
C GLY B 224 11.00 -4.75 -8.37
N LYS B 225 11.26 -4.16 -9.53
CA LYS B 225 12.61 -3.89 -10.00
C LYS B 225 12.63 -2.50 -10.59
N ASN B 226 13.79 -1.84 -10.49
CA ASN B 226 13.97 -0.47 -10.94
C ASN B 226 14.91 -0.39 -12.14
N PHE B 227 14.58 0.50 -13.08
CA PHE B 227 15.38 0.82 -14.26
C PHE B 227 15.62 2.33 -14.30
N ASN B 228 16.87 2.75 -14.40
CA ASN B 228 17.24 4.17 -14.46
C ASN B 228 17.75 4.53 -15.86
N PHE B 229 17.26 5.66 -16.39
CA PHE B 229 17.67 6.18 -17.70
C PHE B 229 18.33 7.55 -17.57
N ASN B 230 19.66 7.58 -17.73
CA ASN B 230 20.45 8.80 -17.64
C ASN B 230 20.70 9.43 -19.02
N ASN B 231 20.49 10.74 -19.11
CA ASN B 231 20.98 11.56 -20.23
C ASN B 231 20.66 11.01 -21.63
N TRP B 232 19.41 10.63 -21.86
CA TRP B 232 18.98 10.27 -23.20
C TRP B 232 18.81 11.51 -24.07
N SER B 233 19.39 11.49 -25.27
CA SER B 233 19.28 12.63 -26.18
C SER B 233 19.10 12.15 -27.62
N VAL B 234 18.49 13.00 -28.43
CA VAL B 234 18.34 12.76 -29.87
C VAL B 234 18.88 13.97 -30.62
N THR B 235 19.68 13.71 -31.67
CA THR B 235 20.20 14.74 -32.56
C THR B 235 19.54 14.56 -33.92
N SER B 236 18.63 15.47 -34.27
CA SER B 236 17.90 15.43 -35.54
C SER B 236 18.22 16.68 -36.35
N LYS B 237 18.83 16.49 -37.52
CA LYS B 237 19.12 17.61 -38.41
C LYS B 237 18.83 17.22 -39.86
N MET C 17 -34.76 -1.88 -13.99
CA MET C 17 -33.75 -1.33 -13.06
C MET C 17 -33.83 -1.99 -11.67
N PRO C 18 -32.76 -1.84 -10.85
CA PRO C 18 -32.58 -2.56 -9.59
C PRO C 18 -33.28 -2.18 -8.30
N ILE C 19 -33.31 -3.12 -7.38
CA ILE C 19 -33.90 -2.93 -6.03
C ILE C 19 -33.04 -2.01 -5.17
N TRP C 20 -31.75 -1.86 -5.47
CA TRP C 20 -30.81 -1.01 -4.68
C TRP C 20 -29.52 -0.82 -5.44
N SER C 21 -28.92 0.35 -5.28
CA SER C 21 -27.61 0.66 -5.85
C SER C 21 -26.93 1.64 -4.91
N SER C 22 -25.59 1.60 -4.87
CA SER C 22 -24.86 2.57 -4.06
C SER C 22 -23.48 2.77 -4.66
N HIS C 23 -23.02 4.00 -4.64
CA HIS C 23 -21.67 4.41 -5.06
C HIS C 23 -20.88 4.77 -3.80
N ALA C 24 -21.50 4.73 -2.63
CA ALA C 24 -20.86 5.14 -1.38
C ALA C 24 -19.96 4.04 -0.83
N PRO C 25 -18.74 4.38 -0.41
CA PRO C 25 -17.88 3.40 0.26
C PRO C 25 -18.61 2.76 1.43
N TYR C 26 -18.58 1.42 1.48
CA TYR C 26 -19.20 0.61 2.53
C TYR C 26 -20.72 0.74 2.56
N GLY C 27 -21.32 1.23 1.48
CA GLY C 27 -22.77 1.23 1.37
C GLY C 27 -23.31 -0.19 1.41
N SER C 28 -24.40 -0.39 2.14
CA SER C 28 -24.93 -1.74 2.34
C SER C 28 -26.45 -1.78 2.26
N PHE C 29 -26.96 -2.97 1.95
CA PHE C 29 -28.38 -3.24 1.82
C PHE C 29 -28.61 -4.72 2.13
N SER C 30 -29.75 -5.04 2.75
CA SER C 30 -30.07 -6.42 3.05
C SER C 30 -31.53 -6.71 2.75
N ARG C 31 -31.77 -7.91 2.20
CA ARG C 31 -33.10 -8.40 1.85
C ARG C 31 -33.10 -9.92 1.97
N ASP C 32 -34.04 -10.47 2.74
CA ASP C 32 -34.28 -11.92 2.88
C ASP C 32 -33.04 -12.69 3.32
N GLY C 33 -32.37 -12.20 4.36
CA GLY C 33 -31.19 -12.87 4.88
C GLY C 33 -29.89 -12.61 4.14
N TYR C 34 -29.94 -12.00 2.96
CA TYR C 34 -28.75 -11.66 2.20
C TYR C 34 -28.47 -10.17 2.38
N SER C 35 -27.20 -9.81 2.46
CA SER C 35 -26.81 -8.41 2.49
C SER C 35 -25.69 -8.20 1.49
N TRP C 36 -25.64 -6.99 0.92
CA TRP C 36 -24.65 -6.61 -0.06
C TRP C 36 -23.88 -5.42 0.49
N ASN C 37 -22.55 -5.45 0.34
CA ASN C 37 -21.67 -4.46 0.95
C ASN C 37 -20.64 -3.98 -0.06
N ASN C 38 -20.66 -2.66 -0.31
CA ASN C 38 -19.74 -1.96 -1.22
C ASN C 38 -18.41 -1.58 -0.55
N ASP C 39 -17.69 -2.57 -0.04
CA ASP C 39 -16.45 -2.32 0.73
C ASP C 39 -15.27 -1.93 -0.17
N VAL C 40 -14.74 -0.74 0.07
CA VAL C 40 -13.57 -0.11 -0.59
C VAL C 40 -12.84 0.66 0.49
N TRP C 41 -11.53 0.57 0.55
CA TRP C 41 -10.76 1.27 1.59
C TRP C 41 -9.37 1.61 1.06
N GLY C 42 -8.54 2.15 1.92
CA GLY C 42 -7.14 2.37 1.57
C GLY C 42 -6.79 3.81 1.34
N PRO C 43 -5.57 4.09 0.93
CA PRO C 43 -5.11 5.43 0.76
C PRO C 43 -5.73 6.22 -0.41
N ARG C 44 -5.89 5.58 -1.57
CA ARG C 44 -6.41 6.30 -2.73
C ARG C 44 -7.44 5.44 -3.45
N PRO C 45 -8.60 5.24 -2.82
CA PRO C 45 -9.55 4.28 -3.38
C PRO C 45 -10.23 4.85 -4.63
N GLY C 46 -10.42 3.98 -5.61
CA GLY C 46 -11.07 4.40 -6.83
C GLY C 46 -12.56 4.26 -6.70
N PRO C 47 -13.28 4.81 -7.68
CA PRO C 47 -14.74 4.73 -7.65
C PRO C 47 -15.23 3.30 -7.75
N GLN C 48 -16.35 3.01 -7.07
CA GLN C 48 -16.91 1.66 -7.09
C GLN C 48 -18.39 1.73 -6.79
N THR C 49 -19.20 0.99 -7.57
CA THR C 49 -20.64 0.97 -7.37
C THR C 49 -21.23 -0.44 -7.53
N ILE C 50 -22.07 -0.86 -6.56
CA ILE C 50 -22.83 -2.12 -6.61
C ILE C 50 -24.28 -1.84 -6.99
N SER C 51 -24.87 -2.71 -7.81
CA SER C 51 -26.31 -2.67 -8.07
C SER C 51 -26.88 -4.07 -7.86
N VAL C 52 -28.03 -4.14 -7.20
CA VAL C 52 -28.69 -5.41 -6.88
C VAL C 52 -30.03 -5.49 -7.64
N SER C 53 -30.19 -6.53 -8.46
CA SER C 53 -31.38 -6.79 -9.28
C SER C 53 -32.40 -7.64 -8.54
N GLY C 54 -31.93 -8.72 -7.91
CA GLY C 54 -32.76 -9.62 -7.15
C GLY C 54 -31.96 -10.15 -5.98
N VAL C 55 -32.61 -10.98 -5.16
CA VAL C 55 -31.95 -11.52 -3.98
C VAL C 55 -30.76 -12.39 -4.36
N ASN C 56 -30.76 -12.93 -5.58
CA ASN C 56 -29.67 -13.79 -6.02
C ASN C 56 -28.85 -13.23 -7.19
N ARG C 57 -29.04 -11.97 -7.58
CA ARG C 57 -28.38 -11.44 -8.77
C ARG C 57 -27.90 -10.03 -8.47
N TRP C 58 -26.61 -9.78 -8.65
CA TRP C 58 -26.05 -8.45 -8.41
C TRP C 58 -24.81 -8.24 -9.27
N SER C 59 -24.36 -6.98 -9.35
CA SER C 59 -23.22 -6.60 -10.16
C SER C 59 -22.46 -5.45 -9.48
N VAL C 60 -21.16 -5.32 -9.81
CA VAL C 60 -20.31 -4.25 -9.28
C VAL C 60 -19.37 -3.77 -10.39
N TRP C 61 -19.22 -2.45 -10.50
CA TRP C 61 -18.23 -1.79 -11.35
C TRP C 61 -17.22 -1.08 -10.45
N SER C 62 -15.91 -1.22 -10.75
CA SER C 62 -14.86 -0.68 -9.89
C SER C 62 -13.67 -0.24 -10.75
N ASP C 63 -13.08 0.92 -10.41
CA ASP C 63 -11.88 1.45 -11.09
C ASP C 63 -10.75 1.67 -10.07
N GLN C 64 -10.00 0.61 -9.75
CA GLN C 64 -8.90 0.64 -8.80
C GLN C 64 -7.58 0.73 -9.54
N PRO C 65 -6.65 1.56 -9.03
CA PRO C 65 -5.40 1.81 -9.75
C PRO C 65 -4.43 0.64 -9.72
N ASN C 66 -3.46 0.68 -10.65
CA ASN C 66 -2.41 -0.34 -10.78
C ASN C 66 -1.28 -0.12 -9.78
N THR C 67 -1.60 -0.35 -8.51
CA THR C 67 -0.70 -0.21 -7.38
C THR C 67 -0.82 -1.44 -6.48
N PRO C 68 0.17 -1.71 -5.62
CA PRO C 68 0.11 -2.91 -4.76
C PRO C 68 -1.05 -2.91 -3.78
N GLY C 69 -1.50 -4.10 -3.42
CA GLY C 69 -2.45 -4.33 -2.33
C GLY C 69 -3.91 -4.40 -2.75
N ILE C 70 -4.67 -5.15 -1.96
CA ILE C 70 -6.12 -5.25 -2.16
C ILE C 70 -6.76 -3.91 -1.79
N LYS C 71 -7.61 -3.39 -2.68
CA LYS C 71 -8.27 -2.10 -2.45
C LYS C 71 -9.70 -2.22 -1.96
N SER C 72 -10.39 -3.30 -2.32
CA SER C 72 -11.82 -3.39 -2.08
C SER C 72 -12.26 -4.85 -2.09
N TYR C 73 -13.40 -5.11 -1.46
CA TYR C 73 -14.06 -6.40 -1.51
C TYR C 73 -15.56 -6.21 -1.54
N PRO C 74 -16.11 -5.72 -2.65
CA PRO C 74 -17.58 -5.71 -2.79
C PRO C 74 -18.10 -7.15 -2.74
N HIS C 75 -19.14 -7.38 -1.93
CA HIS C 75 -19.57 -8.75 -1.70
C HIS C 75 -21.01 -8.84 -1.21
N VAL C 76 -21.55 -10.05 -1.34
CA VAL C 76 -22.81 -10.46 -0.75
C VAL C 76 -22.49 -11.35 0.44
N ALA C 77 -23.32 -11.30 1.46
CA ALA C 77 -23.11 -12.08 2.69
C ALA C 77 -24.39 -12.74 3.19
N PHE C 78 -24.25 -13.92 3.75
CA PHE C 78 -25.34 -14.68 4.36
C PHE C 78 -24.88 -15.18 5.72
N ASN C 79 -25.62 -14.88 6.80
CA ASN C 79 -25.22 -15.28 8.16
C ASN C 79 -25.67 -16.70 8.48
N ILE C 80 -24.79 -17.50 9.05
CA ILE C 80 -25.15 -18.89 9.44
C ILE C 80 -25.39 -18.98 10.93
N GLY C 81 -24.43 -18.60 11.76
CA GLY C 81 -24.55 -18.63 13.22
C GLY C 81 -24.90 -19.97 13.84
N LYS C 82 -24.25 -21.04 13.44
CA LYS C 82 -24.50 -22.39 13.98
C LYS C 82 -23.18 -23.13 14.16
N PRO C 83 -23.03 -24.02 15.16
CA PRO C 83 -21.82 -24.79 15.30
C PRO C 83 -21.76 -25.78 14.13
N LEU C 84 -20.55 -26.14 13.75
CA LEU C 84 -20.31 -27.03 12.60
C LEU C 84 -20.96 -28.40 12.86
N SER C 85 -20.92 -28.88 14.10
CA SER C 85 -21.47 -30.20 14.53
C SER C 85 -22.97 -30.29 14.26
N SER C 86 -23.68 -29.19 14.40
CA SER C 86 -25.14 -29.17 14.18
C SER C 86 -25.50 -28.90 12.72
N ILE C 87 -24.54 -28.72 11.82
CA ILE C 87 -24.92 -28.39 10.42
C ILE C 87 -25.15 -29.67 9.63
N ASN C 88 -26.26 -29.75 8.91
CA ASN C 88 -26.52 -30.92 8.08
C ASN C 88 -26.17 -30.66 6.62
N THR C 89 -26.44 -29.46 6.12
CA THR C 89 -26.07 -29.08 4.76
C THR C 89 -25.65 -27.61 4.77
N LEU C 90 -24.48 -27.32 4.17
CA LEU C 90 -24.04 -25.95 3.94
C LEU C 90 -23.35 -25.95 2.58
N SER C 91 -24.08 -25.50 1.56
CA SER C 91 -23.55 -25.43 0.21
C SER C 91 -23.94 -24.10 -0.44
N SER C 92 -23.24 -23.75 -1.50
CA SER C 92 -23.46 -22.50 -2.22
C SER C 92 -23.25 -22.69 -3.71
N SER C 93 -24.05 -22.00 -4.53
CA SER C 93 -23.93 -22.01 -5.98
C SER C 93 -23.56 -20.62 -6.47
N PHE C 94 -22.69 -20.56 -7.48
CA PHE C 94 -22.26 -19.28 -8.02
C PHE C 94 -22.23 -19.33 -9.53
N ASN C 95 -22.62 -18.22 -10.16
CA ASN C 95 -22.51 -18.04 -11.60
C ASN C 95 -22.10 -16.60 -11.85
N GLN C 96 -20.95 -16.40 -12.53
CA GLN C 96 -20.42 -15.05 -12.62
C GLN C 96 -19.81 -14.78 -14.00
N GLU C 97 -19.68 -13.49 -14.31
CA GLU C 97 -18.98 -13.00 -15.50
C GLU C 97 -17.92 -12.02 -15.04
N VAL C 98 -16.70 -12.21 -15.50
CA VAL C 98 -15.55 -11.47 -15.01
C VAL C 98 -14.87 -10.80 -16.19
N PRO C 99 -14.05 -9.78 -15.96
CA PRO C 99 -13.32 -9.10 -17.04
C PRO C 99 -12.14 -9.93 -17.53
N THR C 100 -11.48 -9.42 -18.58
CA THR C 100 -10.30 -10.07 -19.12
C THR C 100 -9.04 -9.68 -18.35
N GLY C 101 -8.88 -8.38 -18.08
CA GLY C 101 -7.69 -7.86 -17.44
C GLY C 101 -7.87 -7.53 -15.97
N GLY C 102 -6.80 -6.97 -15.42
CA GLY C 102 -6.73 -6.51 -14.04
C GLY C 102 -6.02 -7.47 -13.11
N ALA C 103 -6.10 -7.13 -11.82
CA ALA C 103 -5.52 -7.92 -10.75
C ALA C 103 -6.59 -8.07 -9.68
N TRP C 104 -7.14 -9.28 -9.55
CA TRP C 104 -8.27 -9.54 -8.66
C TRP C 104 -8.41 -11.05 -8.44
N ASP C 105 -9.23 -11.38 -7.44
CA ASP C 105 -9.63 -12.77 -7.19
C ASP C 105 -11.07 -12.79 -6.72
N VAL C 106 -11.90 -13.60 -7.37
CA VAL C 106 -13.28 -13.86 -6.96
C VAL C 106 -13.27 -14.98 -5.93
N ALA C 107 -13.79 -14.71 -4.73
CA ALA C 107 -13.57 -15.66 -3.64
C ALA C 107 -14.71 -15.70 -2.62
N TYR C 108 -14.88 -16.90 -2.05
CA TYR C 108 -15.68 -17.06 -0.85
C TYR C 108 -14.83 -16.62 0.34
N ASP C 109 -15.46 -15.92 1.28
CA ASP C 109 -14.82 -15.53 2.52
C ASP C 109 -15.72 -16.07 3.63
N ILE C 110 -15.28 -17.13 4.30
CA ILE C 110 -16.06 -17.82 5.32
C ILE C 110 -15.42 -17.57 6.68
N TRP C 111 -16.23 -17.11 7.63
CA TRP C 111 -15.73 -16.74 8.95
C TRP C 111 -16.41 -17.55 10.05
N ASP C 112 -15.71 -17.76 11.15
CA ASP C 112 -16.43 -18.24 12.32
C ASP C 112 -16.97 -17.01 13.06
N SER C 113 -17.84 -17.24 14.05
CA SER C 113 -18.54 -16.10 14.66
C SER C 113 -17.60 -15.13 15.37
N SER C 114 -16.51 -15.62 15.94
CA SER C 114 -15.56 -14.76 16.66
C SER C 114 -14.53 -14.09 15.76
N ASN C 115 -14.47 -14.44 14.48
CA ASN C 115 -13.48 -13.92 13.52
C ASN C 115 -12.05 -14.28 13.89
N LYS C 116 -11.84 -15.45 14.48
CA LYS C 116 -10.50 -15.92 14.72
C LYS C 116 -10.02 -16.84 13.61
N HIS C 117 -10.93 -17.27 12.73
CA HIS C 117 -10.62 -18.14 11.61
C HIS C 117 -11.31 -17.65 10.34
N GLU C 118 -10.53 -17.52 9.27
CA GLU C 118 -11.04 -17.09 7.98
C GLU C 118 -10.70 -18.15 6.93
N ILE C 119 -11.70 -18.59 6.17
CA ILE C 119 -11.50 -19.59 5.11
C ILE C 119 -11.90 -18.98 3.78
N MET C 120 -10.96 -18.94 2.83
CA MET C 120 -11.20 -18.38 1.50
C MET C 120 -11.23 -19.50 0.47
N LEU C 121 -12.15 -19.41 -0.50
CA LEU C 121 -12.21 -20.31 -1.64
C LEU C 121 -12.22 -19.46 -2.91
N TRP C 122 -11.10 -19.45 -3.65
CA TRP C 122 -10.94 -18.66 -4.88
C TRP C 122 -11.48 -19.45 -6.07
N THR C 123 -12.54 -18.94 -6.70
CA THR C 123 -13.10 -19.63 -7.85
C THR C 123 -12.46 -19.19 -9.16
N ASN C 124 -12.22 -17.89 -9.32
CA ASN C 124 -11.57 -17.37 -10.52
C ASN C 124 -10.70 -16.20 -10.12
N TYR C 125 -9.51 -16.10 -10.71
CA TYR C 125 -8.56 -15.08 -10.32
C TYR C 125 -7.57 -14.86 -11.45
N THR C 126 -6.81 -13.76 -11.35
CA THR C 126 -5.83 -13.36 -12.35
C THR C 126 -4.42 -13.90 -12.09
N GLY C 127 -4.17 -14.47 -10.91
CA GLY C 127 -2.92 -15.14 -10.61
C GLY C 127 -2.98 -16.61 -10.99
N ASN C 128 -2.06 -17.39 -10.43
CA ASN C 128 -2.01 -18.82 -10.70
C ASN C 128 -2.27 -19.61 -9.43
N SER C 129 -2.79 -20.84 -9.64
CA SER C 129 -3.11 -21.75 -8.54
C SER C 129 -1.88 -22.16 -7.73
N ASP C 130 -0.68 -22.01 -8.29
CA ASP C 130 0.51 -22.38 -7.52
C ASP C 130 0.95 -21.29 -6.55
N GLY C 131 0.18 -20.20 -6.42
CA GLY C 131 0.50 -19.12 -5.50
C GLY C 131 1.28 -17.97 -6.10
N SER C 132 1.49 -17.95 -7.41
CA SER C 132 2.17 -16.86 -8.11
C SER C 132 1.16 -16.01 -8.89
N GLY C 133 1.60 -14.85 -9.36
CA GLY C 133 0.78 -14.01 -10.21
C GLY C 133 0.68 -12.60 -9.67
N ASN C 134 -0.15 -11.79 -10.36
CA ASN C 134 -0.39 -10.43 -9.88
C ASN C 134 -1.27 -10.38 -8.62
N VAL C 135 -1.94 -11.47 -8.26
CA VAL C 135 -2.52 -11.66 -6.93
C VAL C 135 -1.98 -12.97 -6.36
N LYS C 136 -1.72 -13.00 -5.07
CA LYS C 136 -1.22 -14.17 -4.34
C LYS C 136 -2.00 -14.36 -3.06
N PRO C 137 -2.24 -15.60 -2.64
CA PRO C 137 -2.93 -15.84 -1.36
C PRO C 137 -2.06 -15.47 -0.16
N ILE C 138 -2.72 -15.24 0.98
CA ILE C 138 -2.00 -14.95 2.23
C ILE C 138 -1.23 -16.19 2.66
N SER C 139 0.05 -16.00 3.01
CA SER C 139 0.93 -17.12 3.28
C SER C 139 2.04 -16.73 4.24
N TYR C 140 2.44 -17.68 5.10
CA TYR C 140 3.64 -17.49 5.93
C TYR C 140 4.91 -17.56 5.10
N HIS C 141 4.95 -18.47 4.12
CA HIS C 141 6.16 -18.78 3.37
C HIS C 141 5.98 -18.55 1.88
N TYR C 142 7.06 -18.08 1.26
CA TYR C 142 7.14 -17.78 -0.16
C TYR C 142 8.38 -18.42 -0.76
N ALA C 143 8.32 -18.67 -2.03
CA ALA C 143 9.42 -19.17 -2.84
C ALA C 143 10.23 -17.99 -3.39
N PRO C 144 11.47 -18.22 -3.83
CA PRO C 144 12.29 -17.13 -4.39
C PRO C 144 11.62 -16.32 -5.51
N SER C 145 10.75 -16.94 -6.30
CA SER C 145 10.00 -16.19 -7.31
C SER C 145 8.95 -15.29 -6.70
N GLY C 146 8.77 -15.30 -5.39
CA GLY C 146 7.71 -14.62 -4.69
C GLY C 146 6.39 -15.36 -4.68
N ALA C 147 6.37 -16.62 -5.11
CA ALA C 147 5.13 -17.38 -5.11
C ALA C 147 4.89 -17.92 -3.71
N ALA C 148 3.64 -17.86 -3.25
CA ALA C 148 3.33 -18.44 -1.95
C ALA C 148 3.52 -19.96 -2.04
N ILE C 149 4.02 -20.57 -0.99
CA ILE C 149 4.24 -22.01 -0.95
C ILE C 149 3.01 -22.66 -0.30
N PRO C 150 2.31 -23.55 -0.99
CA PRO C 150 1.12 -24.18 -0.38
C PRO C 150 1.46 -25.11 0.77
N VAL C 151 0.50 -25.23 1.71
CA VAL C 151 0.63 -26.21 2.78
C VAL C 151 0.08 -27.59 2.38
N TYR C 152 -0.88 -27.64 1.45
CA TYR C 152 -1.33 -28.90 0.85
C TYR C 152 -1.54 -28.68 -0.64
N SER C 153 -1.25 -29.70 -1.44
CA SER C 153 -1.38 -29.58 -2.87
C SER C 153 -2.44 -30.53 -3.42
N ASN C 154 -3.21 -30.04 -4.39
CA ASN C 154 -4.21 -30.83 -5.14
C ASN C 154 -5.12 -31.65 -4.22
N VAL C 155 -5.71 -30.96 -3.24
CA VAL C 155 -6.67 -31.58 -2.34
C VAL C 155 -8.04 -31.64 -3.00
N ASN C 156 -8.64 -32.83 -3.03
CA ASN C 156 -9.96 -33.05 -3.62
C ASN C 156 -10.95 -32.98 -2.45
N VAL C 157 -11.68 -31.85 -2.34
CA VAL C 157 -12.62 -31.62 -1.25
C VAL C 157 -13.74 -30.73 -1.76
N GLY C 158 -14.94 -30.92 -1.20
CA GLY C 158 -16.10 -30.09 -1.45
C GLY C 158 -16.47 -29.90 -2.90
N GLY C 159 -16.21 -30.91 -3.73
CA GLY C 159 -16.58 -30.89 -5.12
C GLY C 159 -15.54 -30.35 -6.09
N ALA C 160 -14.29 -30.19 -5.66
CA ALA C 160 -13.28 -29.64 -6.56
C ALA C 160 -11.91 -30.00 -6.02
N THR C 161 -10.89 -29.69 -6.82
CA THR C 161 -9.49 -29.85 -6.44
C THR C 161 -8.89 -28.48 -6.17
N TRP C 162 -8.18 -28.37 -5.04
CA TRP C 162 -7.67 -27.08 -4.59
C TRP C 162 -6.24 -27.21 -4.08
N ASN C 163 -5.53 -26.09 -4.14
CA ASN C 163 -4.27 -25.90 -3.44
C ASN C 163 -4.55 -25.04 -2.22
N VAL C 164 -4.04 -25.47 -1.07
CA VAL C 164 -4.36 -24.86 0.22
C VAL C 164 -3.15 -24.08 0.73
N PHE C 165 -3.39 -22.84 1.18
CA PHE C 165 -2.35 -21.95 1.66
C PHE C 165 -2.72 -21.51 3.07
N GLU C 166 -1.70 -21.24 3.88
CA GLU C 166 -1.91 -20.92 5.29
C GLU C 166 -1.14 -19.66 5.68
N GLY C 167 -1.83 -18.75 6.36
CA GLY C 167 -1.22 -17.48 6.73
C GLY C 167 -1.95 -16.89 7.92
N GLU C 168 -1.52 -15.70 8.27
CA GLU C 168 -2.06 -15.00 9.42
C GLU C 168 -2.46 -13.59 9.03
N GLY C 169 -3.53 -13.08 9.63
CA GLY C 169 -3.85 -11.67 9.48
C GLY C 169 -3.15 -10.81 10.53
N PRO C 170 -3.29 -9.47 10.40
CA PRO C 170 -2.60 -8.53 11.33
C PRO C 170 -3.00 -8.65 12.78
N ASP C 171 -4.17 -9.18 13.09
CA ASP C 171 -4.54 -9.49 14.47
C ASP C 171 -4.25 -10.95 14.82
N GLY C 172 -3.42 -11.63 14.03
CA GLY C 172 -3.06 -13.01 14.27
C GLY C 172 -4.15 -14.02 13.98
N HIS C 173 -5.27 -13.62 13.35
CA HIS C 173 -6.31 -14.60 13.08
C HIS C 173 -5.88 -15.49 11.92
N LYS C 174 -6.21 -16.78 12.01
CA LYS C 174 -5.78 -17.76 11.03
C LYS C 174 -6.50 -17.52 9.70
N VAL C 175 -5.75 -17.58 8.59
CA VAL C 175 -6.30 -17.49 7.23
C VAL C 175 -5.89 -18.74 6.45
N ILE C 176 -6.87 -19.55 6.06
CA ILE C 176 -6.66 -20.70 5.18
C ILE C 176 -7.31 -20.35 3.86
N SER C 177 -6.55 -20.36 2.77
CA SER C 177 -7.07 -20.00 1.44
C SER C 177 -6.94 -21.21 0.52
N LEU C 178 -8.05 -21.58 -0.14
CA LEU C 178 -8.07 -22.69 -1.09
C LEU C 178 -8.25 -22.08 -2.46
N LEU C 179 -7.29 -22.36 -3.35
CA LEU C 179 -7.29 -21.86 -4.72
C LEU C 179 -7.66 -23.00 -5.65
N ARG C 180 -8.71 -22.82 -6.45
CA ARG C 180 -9.14 -23.87 -7.37
C ARG C 180 -8.05 -24.16 -8.40
N THR C 181 -7.71 -25.45 -8.57
CA THR C 181 -6.67 -25.77 -9.56
C THR C 181 -7.16 -25.51 -10.98
N SER C 182 -8.46 -25.63 -11.22
CA SER C 182 -9.09 -25.26 -12.48
C SER C 182 -10.06 -24.11 -12.24
N LYS C 183 -9.79 -22.96 -12.84
CA LYS C 183 -10.62 -21.78 -12.65
C LYS C 183 -11.96 -21.95 -13.34
N THR C 184 -13.01 -21.44 -12.71
CA THR C 184 -14.35 -21.57 -13.27
C THR C 184 -15.15 -20.33 -12.93
N ASN C 185 -16.19 -20.09 -13.73
CA ASN C 185 -17.13 -19.01 -13.47
C ASN C 185 -18.51 -19.53 -13.09
N SER C 186 -18.67 -20.85 -12.95
CA SER C 186 -19.92 -21.39 -12.45
C SER C 186 -19.63 -22.69 -11.71
N GLY C 187 -20.38 -22.96 -10.65
CA GLY C 187 -20.16 -24.17 -9.91
C GLY C 187 -20.92 -24.17 -8.60
N THR C 188 -20.65 -25.19 -7.79
CA THR C 188 -21.23 -25.37 -6.47
C THR C 188 -20.14 -25.84 -5.50
N VAL C 189 -20.09 -25.25 -4.30
CA VAL C 189 -19.13 -25.67 -3.28
C VAL C 189 -19.88 -26.28 -2.09
N ASP C 190 -19.33 -27.36 -1.54
CA ASP C 190 -19.83 -28.00 -0.32
C ASP C 190 -18.99 -27.43 0.82
N ILE C 191 -19.48 -26.33 1.39
CA ILE C 191 -18.71 -25.63 2.41
C ILE C 191 -18.58 -26.46 3.68
N LYS C 192 -19.65 -27.17 4.05
CA LYS C 192 -19.60 -28.01 5.25
C LYS C 192 -18.47 -29.04 5.15
N SER C 193 -18.36 -29.74 4.02
CA SER C 193 -17.30 -30.73 3.84
C SER C 193 -15.92 -30.10 3.89
N ILE C 194 -15.79 -28.89 3.32
CA ILE C 194 -14.50 -28.23 3.36
C ILE C 194 -14.12 -27.88 4.79
N LEU C 195 -15.06 -27.34 5.56
CA LEU C 195 -14.79 -27.02 6.96
C LEU C 195 -14.47 -28.27 7.76
N GLN C 196 -15.14 -29.39 7.44
CA GLN C 196 -14.82 -30.64 8.12
C GLN C 196 -13.40 -31.09 7.80
N TRP C 197 -12.98 -30.94 6.54
CA TRP C 197 -11.63 -31.31 6.17
C TRP C 197 -10.58 -30.47 6.89
N ILE C 198 -10.83 -29.16 7.02
CA ILE C 198 -9.90 -28.27 7.73
C ILE C 198 -9.85 -28.63 9.21
N LYS C 199 -11.01 -28.95 9.81
CA LYS C 199 -11.03 -29.37 11.20
C LYS C 199 -10.22 -30.65 11.41
N SER C 200 -10.28 -31.58 10.44
CA SER C 200 -9.53 -32.83 10.53
C SER C 200 -8.02 -32.62 10.53
N LYS C 201 -7.54 -31.50 10.00
CA LYS C 201 -6.11 -31.26 10.04
C LYS C 201 -5.68 -30.52 11.30
N GLY C 202 -6.63 -30.26 12.20
CA GLY C 202 -6.37 -29.65 13.49
C GLY C 202 -6.29 -28.14 13.54
N TYR C 203 -6.72 -27.43 12.47
CA TYR C 203 -6.68 -25.96 12.49
C TYR C 203 -7.69 -25.37 13.46
N PHE C 204 -8.83 -26.03 13.67
CA PHE C 204 -9.79 -25.56 14.66
C PHE C 204 -10.65 -26.73 15.10
N GLY C 205 -11.44 -26.48 16.14
CA GLY C 205 -12.38 -27.45 16.69
C GLY C 205 -13.76 -27.31 16.09
N ASP C 206 -14.80 -27.48 16.90
CA ASP C 206 -16.19 -27.31 16.47
C ASP C 206 -16.55 -25.82 16.48
N ILE C 207 -16.09 -25.13 15.42
CA ILE C 207 -16.32 -23.70 15.30
C ILE C 207 -17.79 -23.39 15.06
N GLU C 208 -18.23 -22.22 15.52
CA GLU C 208 -19.54 -21.68 15.15
C GLU C 208 -19.36 -20.93 13.83
N VAL C 209 -19.95 -21.45 12.75
CA VAL C 209 -19.87 -20.81 11.44
C VAL C 209 -20.63 -19.48 11.49
N GLY C 210 -19.96 -18.37 11.18
CA GLY C 210 -20.65 -17.09 11.26
C GLY C 210 -21.25 -16.68 9.93
N SER C 211 -20.50 -16.08 9.04
CA SER C 211 -21.09 -15.61 7.79
C SER C 211 -20.33 -16.20 6.62
N VAL C 212 -21.07 -16.41 5.54
CA VAL C 212 -20.52 -16.85 4.27
C VAL C 212 -20.60 -15.67 3.30
N GLN C 213 -19.44 -15.19 2.85
CA GLN C 213 -19.41 -14.06 1.93
C GLN C 213 -18.88 -14.51 0.58
N TYR C 214 -19.31 -13.80 -0.47
CA TYR C 214 -18.80 -14.02 -1.82
C TYR C 214 -18.70 -12.69 -2.52
N GLY C 215 -17.57 -12.45 -3.16
CA GLY C 215 -17.37 -11.22 -3.91
C GLY C 215 -16.02 -11.24 -4.58
N VAL C 216 -15.48 -10.05 -4.89
CA VAL C 216 -14.20 -9.97 -5.60
C VAL C 216 -13.28 -9.01 -4.86
N GLU C 217 -12.08 -9.50 -4.55
CA GLU C 217 -11.01 -8.72 -3.94
C GLU C 217 -10.28 -8.06 -5.08
N ILE C 218 -10.38 -6.75 -5.18
CA ILE C 218 -9.81 -6.06 -6.32
C ILE C 218 -8.52 -5.40 -5.89
N THR C 219 -7.44 -5.75 -6.59
CA THR C 219 -6.16 -5.08 -6.49
C THR C 219 -6.00 -4.00 -7.56
N SER C 220 -6.35 -4.31 -8.81
CA SER C 220 -6.31 -3.33 -9.90
C SER C 220 -7.44 -3.58 -10.89
N SER C 221 -8.10 -2.50 -11.29
CA SER C 221 -9.04 -2.63 -12.40
C SER C 221 -9.04 -1.30 -13.14
N PRO C 222 -7.87 -0.85 -13.62
CA PRO C 222 -7.75 0.53 -14.09
C PRO C 222 -8.66 0.82 -15.26
N GLY C 223 -9.37 1.96 -15.20
CA GLY C 223 -10.29 2.36 -16.23
C GLY C 223 -11.70 1.86 -16.01
N GLY C 224 -11.92 1.04 -14.97
CA GLY C 224 -13.23 0.51 -14.66
C GLY C 224 -13.46 -0.84 -15.30
N LYS C 225 -13.90 -1.81 -14.49
CA LYS C 225 -14.22 -3.15 -14.95
C LYS C 225 -15.49 -3.61 -14.26
N ASN C 226 -16.20 -4.53 -14.92
CA ASN C 226 -17.48 -5.03 -14.44
C ASN C 226 -17.29 -6.45 -13.89
N PHE C 227 -17.97 -6.73 -12.77
CA PHE C 227 -18.09 -8.09 -12.26
C PHE C 227 -19.56 -8.33 -12.03
N ASN C 228 -20.14 -9.27 -12.77
CA ASN C 228 -21.55 -9.61 -12.68
C ASN C 228 -21.73 -10.97 -12.03
N PHE C 229 -22.59 -11.02 -11.03
CA PHE C 229 -22.90 -12.26 -10.33
C PHE C 229 -24.33 -12.56 -10.70
N ASN C 230 -24.49 -13.47 -11.66
CA ASN C 230 -25.81 -13.74 -12.23
C ASN C 230 -26.60 -14.62 -11.29
N ASN C 231 -25.91 -15.41 -10.48
CA ASN C 231 -26.60 -16.08 -9.41
C ASN C 231 -25.64 -16.29 -8.26
N TRP C 232 -26.17 -16.19 -7.05
CA TRP C 232 -25.48 -16.61 -5.84
C TRP C 232 -26.53 -17.00 -4.81
N SER C 233 -26.39 -18.21 -4.27
CA SER C 233 -27.34 -18.70 -3.28
C SER C 233 -26.60 -19.54 -2.24
N VAL C 234 -27.19 -19.64 -1.06
CA VAL C 234 -26.68 -20.48 0.01
C VAL C 234 -27.79 -21.42 0.46
N THR C 235 -27.46 -22.70 0.65
CA THR C 235 -28.37 -23.68 1.22
C THR C 235 -27.83 -24.08 2.59
N SER C 236 -28.52 -23.64 3.65
CA SER C 236 -28.14 -23.93 5.03
C SER C 236 -29.26 -24.69 5.74
N LYS C 237 -28.98 -25.92 6.14
CA LYS C 237 -29.93 -26.66 6.98
C LYS C 237 -29.19 -27.52 8.02
N MET D 17 -17.88 9.41 -7.75
CA MET D 17 -18.17 9.29 -6.30
C MET D 17 -17.10 8.40 -5.65
N PRO D 18 -16.35 8.86 -4.64
CA PRO D 18 -16.66 10.09 -3.94
C PRO D 18 -16.10 11.33 -4.63
N ILE D 19 -16.73 12.44 -4.31
CA ILE D 19 -16.45 13.80 -4.84
C ILE D 19 -15.03 14.18 -4.46
N TRP D 20 -14.65 13.83 -3.23
CA TRP D 20 -13.33 14.17 -2.67
C TRP D 20 -12.83 13.08 -1.72
N SER D 21 -11.52 12.94 -1.69
CA SER D 21 -10.80 11.98 -0.86
C SER D 21 -9.48 12.60 -0.43
N SER D 22 -9.02 12.31 0.75
CA SER D 22 -7.71 12.82 1.14
C SER D 22 -7.09 11.97 2.23
N HIS D 23 -5.78 11.72 2.11
CA HIS D 23 -4.98 11.18 3.20
C HIS D 23 -4.00 12.22 3.76
N ALA D 24 -4.08 13.48 3.32
CA ALA D 24 -3.23 14.54 3.89
C ALA D 24 -3.67 14.77 5.33
N PRO D 25 -2.74 14.86 6.29
CA PRO D 25 -3.17 15.03 7.69
C PRO D 25 -4.07 16.23 7.90
N TYR D 26 -3.95 17.26 7.06
CA TYR D 26 -4.77 18.46 7.14
C TYR D 26 -5.73 18.56 5.97
N GLY D 27 -5.97 17.43 5.28
CA GLY D 27 -6.86 17.40 4.13
C GLY D 27 -8.21 17.98 4.46
N SER D 28 -8.69 18.87 3.58
CA SER D 28 -9.85 19.70 3.80
C SER D 28 -10.69 19.85 2.52
N PHE D 29 -12.03 19.93 2.67
CA PHE D 29 -12.97 20.14 1.57
C PHE D 29 -14.21 20.89 2.08
N SER D 30 -14.80 21.77 1.24
CA SER D 30 -16.00 22.50 1.67
C SER D 30 -17.04 22.60 0.55
N ARG D 31 -18.30 22.41 0.92
CA ARG D 31 -19.43 22.44 -0.01
C ARG D 31 -20.71 22.82 0.72
N ASP D 32 -21.41 23.85 0.23
CA ASP D 32 -22.74 24.25 0.74
C ASP D 32 -22.75 24.59 2.22
N GLY D 33 -21.75 25.35 2.69
CA GLY D 33 -21.68 25.71 4.10
C GLY D 33 -21.09 24.65 5.02
N TYR D 34 -20.90 23.42 4.55
CA TYR D 34 -20.30 22.38 5.35
C TYR D 34 -18.86 22.20 4.90
N SER D 35 -17.99 21.86 5.87
CA SER D 35 -16.61 21.51 5.56
C SER D 35 -16.26 20.18 6.24
N TRP D 36 -15.33 19.46 5.63
CA TRP D 36 -14.89 18.15 6.11
C TRP D 36 -13.37 18.16 6.26
N ASN D 37 -12.87 17.60 7.36
CA ASN D 37 -11.47 17.67 7.73
C ASN D 37 -10.92 16.31 8.20
N ASN D 38 -9.77 15.91 7.65
CA ASN D 38 -9.13 14.65 8.05
C ASN D 38 -8.58 14.77 9.47
N ASP D 39 -8.05 15.95 9.82
CA ASP D 39 -7.58 16.32 11.16
C ASP D 39 -6.81 15.20 11.88
N VAL D 40 -5.75 14.70 11.23
CA VAL D 40 -4.86 13.75 11.85
C VAL D 40 -3.82 14.58 12.59
N TRP D 41 -3.81 14.50 13.90
CA TRP D 41 -2.93 15.40 14.65
C TRP D 41 -1.99 14.73 15.64
N GLY D 42 -2.26 13.51 16.12
CA GLY D 42 -1.31 12.82 16.98
C GLY D 42 0.04 12.79 16.30
N PRO D 43 1.14 12.89 17.07
CA PRO D 43 2.48 12.98 16.43
C PRO D 43 2.93 11.69 15.71
N ARG D 44 2.47 10.51 16.15
CA ARG D 44 2.91 9.24 15.59
CA ARG D 44 2.91 9.25 15.57
C ARG D 44 1.67 8.42 15.24
N PRO D 45 0.96 8.79 14.14
CA PRO D 45 -0.29 8.11 13.80
C PRO D 45 -0.12 6.99 12.79
N GLY D 46 -1.21 6.24 12.60
CA GLY D 46 -1.35 5.31 11.52
C GLY D 46 -2.02 5.95 10.31
N PRO D 47 -2.07 5.20 9.20
CA PRO D 47 -2.73 5.72 7.98
C PRO D 47 -4.22 5.95 8.18
N GLN D 48 -4.74 6.97 7.47
CA GLN D 48 -6.13 7.40 7.50
C GLN D 48 -6.51 8.07 6.18
N THR D 49 -7.72 7.81 5.68
CA THR D 49 -8.26 8.47 4.49
C THR D 49 -9.70 8.88 4.74
N ILE D 50 -10.03 10.17 4.55
CA ILE D 50 -11.40 10.67 4.69
C ILE D 50 -11.98 10.77 3.28
N SER D 51 -13.24 10.36 3.11
CA SER D 51 -13.96 10.38 1.85
C SER D 51 -15.29 11.08 2.03
N VAL D 52 -15.66 11.95 1.08
CA VAL D 52 -16.95 12.65 1.08
C VAL D 52 -17.71 12.23 -0.17
N SER D 53 -18.85 11.57 0.02
CA SER D 53 -19.64 11.13 -1.13
C SER D 53 -20.69 12.14 -1.51
N GLY D 54 -20.91 13.13 -0.65
CA GLY D 54 -21.86 14.20 -0.88
C GLY D 54 -22.12 14.88 0.44
N VAL D 55 -22.96 15.92 0.36
CA VAL D 55 -23.34 16.67 1.55
C VAL D 55 -24.11 15.77 2.52
N ASN D 56 -24.66 14.65 2.03
CA ASN D 56 -25.45 13.69 2.79
C ASN D 56 -24.63 12.54 3.38
N ARG D 57 -23.40 12.30 2.90
CA ARG D 57 -22.69 11.05 3.22
C ARG D 57 -21.18 11.24 3.25
N TRP D 58 -20.54 10.81 4.35
CA TRP D 58 -19.09 10.79 4.39
C TRP D 58 -18.63 9.64 5.28
N SER D 59 -17.36 9.27 5.11
CA SER D 59 -16.78 8.12 5.77
C SER D 59 -15.30 8.37 6.00
N VAL D 60 -14.71 7.59 6.90
CA VAL D 60 -13.27 7.66 7.14
C VAL D 60 -12.78 6.25 7.41
N TRP D 61 -11.66 5.90 6.77
CA TRP D 61 -10.98 4.64 7.02
C TRP D 61 -9.69 4.99 7.73
N SER D 62 -9.43 4.33 8.86
CA SER D 62 -8.29 4.70 9.69
C SER D 62 -7.71 3.46 10.36
N ASP D 63 -6.37 3.36 10.37
CA ASP D 63 -5.66 2.25 11.02
C ASP D 63 -4.70 2.83 12.06
N GLN D 64 -5.22 3.08 13.26
CA GLN D 64 -4.38 3.68 14.29
C GLN D 64 -3.87 2.62 15.23
N PRO D 65 -2.60 2.71 15.64
CA PRO D 65 -2.01 1.68 16.49
C PRO D 65 -2.55 1.71 17.91
N ASN D 66 -2.34 0.59 18.60
CA ASN D 66 -2.72 0.45 20.01
C ASN D 66 -1.68 1.12 20.90
N THR D 67 -1.63 2.44 20.81
CA THR D 67 -0.73 3.28 21.56
C THR D 67 -1.53 4.41 22.19
N PRO D 68 -1.00 5.03 23.24
CA PRO D 68 -1.75 6.10 23.92
C PRO D 68 -1.95 7.34 23.08
N GLY D 69 -3.02 8.03 23.40
CA GLY D 69 -3.32 9.36 22.90
C GLY D 69 -4.19 9.34 21.67
N ILE D 70 -5.01 10.37 21.55
CA ILE D 70 -5.86 10.54 20.38
C ILE D 70 -4.99 10.83 19.18
N LYS D 71 -5.23 10.11 18.09
CA LYS D 71 -4.46 10.31 16.87
C LYS D 71 -5.14 11.26 15.91
N SER D 72 -6.48 11.28 15.87
CA SER D 72 -7.13 12.08 14.85
C SER D 72 -8.55 12.40 15.28
N TYR D 73 -9.13 13.41 14.64
CA TYR D 73 -10.55 13.72 14.76
C TYR D 73 -11.11 14.07 13.38
N PRO D 74 -11.21 13.08 12.48
CA PRO D 74 -11.89 13.34 11.20
C PRO D 74 -13.32 13.78 11.46
N HIS D 75 -13.74 14.86 10.80
CA HIS D 75 -15.03 15.44 11.17
C HIS D 75 -15.60 16.34 10.08
N VAL D 76 -16.91 16.58 10.19
CA VAL D 76 -17.62 17.57 9.40
C VAL D 76 -17.94 18.75 10.31
N ALA D 77 -17.91 19.97 9.76
CA ALA D 77 -18.11 21.17 10.55
C ALA D 77 -19.11 22.13 9.89
N PHE D 78 -19.80 22.90 10.73
CA PHE D 78 -20.75 23.93 10.32
C PHE D 78 -20.57 25.18 11.20
N ASN D 79 -20.33 26.33 10.57
CA ASN D 79 -20.10 27.57 11.31
C ASN D 79 -21.41 28.25 11.70
N ILE D 80 -21.47 28.77 12.94
CA ILE D 80 -22.63 29.53 13.42
C ILE D 80 -22.31 31.03 13.51
N GLY D 81 -21.36 31.41 14.37
CA GLY D 81 -20.96 32.79 14.54
C GLY D 81 -22.05 33.71 15.06
N LYS D 82 -22.77 33.28 16.10
CA LYS D 82 -23.88 34.03 16.66
C LYS D 82 -23.83 33.93 18.18
N PRO D 83 -24.16 35.02 18.88
CA PRO D 83 -24.25 34.95 20.34
C PRO D 83 -25.39 34.03 20.76
N LEU D 84 -25.18 33.34 21.88
CA LEU D 84 -26.18 32.39 22.37
C LEU D 84 -27.54 33.05 22.55
N SER D 85 -27.55 34.30 23.04
CA SER D 85 -28.80 35.01 23.28
C SER D 85 -29.54 35.34 21.99
N SER D 86 -28.83 35.38 20.86
CA SER D 86 -29.41 35.64 19.55
C SER D 86 -30.04 34.39 18.94
N ILE D 87 -29.75 33.21 19.49
CA ILE D 87 -30.15 31.95 18.88
C ILE D 87 -31.56 31.58 19.34
N ASN D 88 -32.42 31.27 18.38
CA ASN D 88 -33.75 30.76 18.65
C ASN D 88 -33.83 29.25 18.54
N THR D 89 -33.09 28.66 17.59
CA THR D 89 -32.98 27.21 17.41
C THR D 89 -31.55 26.85 17.02
N LEU D 90 -30.98 25.87 17.71
CA LEU D 90 -29.68 25.28 17.35
C LEU D 90 -29.77 23.78 17.65
N SER D 91 -30.05 22.98 16.62
CA SER D 91 -30.18 21.55 16.78
C SER D 91 -29.42 20.83 15.67
N SER D 92 -29.15 19.57 15.92
CA SER D 92 -28.40 18.75 14.98
C SER D 92 -28.85 17.32 15.11
N SER D 93 -28.80 16.64 14.00
CA SER D 93 -29.25 15.28 13.99
C SER D 93 -28.23 14.48 13.20
N PHE D 94 -27.95 13.27 13.71
CA PHE D 94 -26.79 12.46 13.36
C PHE D 94 -27.19 11.02 13.09
N ASN D 95 -26.49 10.35 12.17
CA ASN D 95 -26.67 8.92 11.92
C ASN D 95 -25.31 8.35 11.51
N GLN D 96 -24.83 7.31 12.21
CA GLN D 96 -23.50 6.78 11.93
C GLN D 96 -23.51 5.26 11.98
N GLU D 97 -22.51 4.67 11.34
CA GLU D 97 -22.21 3.25 11.39
C GLU D 97 -20.77 3.10 11.86
N VAL D 98 -20.56 2.31 12.91
CA VAL D 98 -19.27 2.26 13.58
C VAL D 98 -18.75 0.85 13.52
N PRO D 99 -17.44 0.66 13.64
CA PRO D 99 -16.88 -0.69 13.70
C PRO D 99 -16.96 -1.26 15.11
N THR D 100 -16.66 -2.54 15.21
CA THR D 100 -16.49 -3.21 16.49
C THR D 100 -15.01 -3.26 16.85
N GLY D 101 -14.69 -2.94 18.10
CA GLY D 101 -13.32 -2.92 18.57
C GLY D 101 -12.64 -1.57 18.36
N GLY D 102 -11.46 -1.46 18.93
CA GLY D 102 -10.68 -0.24 18.87
C GLY D 102 -10.93 0.65 20.07
N ALA D 103 -10.35 1.85 20.01
CA ALA D 103 -10.45 2.85 21.07
C ALA D 103 -10.82 4.18 20.44
N TRP D 104 -12.07 4.63 20.62
CA TRP D 104 -12.53 5.83 19.93
C TRP D 104 -13.82 6.36 20.56
N ASP D 105 -14.17 7.60 20.22
CA ASP D 105 -15.45 8.19 20.63
C ASP D 105 -16.00 9.06 19.51
N VAL D 106 -17.24 8.78 19.10
CA VAL D 106 -17.96 9.60 18.12
C VAL D 106 -18.60 10.74 18.90
N ALA D 107 -18.28 11.98 18.56
CA ALA D 107 -18.71 13.08 19.41
C ALA D 107 -18.93 14.37 18.63
N TYR D 108 -19.81 15.21 19.18
CA TYR D 108 -19.91 16.59 18.76
C TYR D 108 -18.78 17.37 19.40
N ASP D 109 -18.21 18.31 18.65
CA ASP D 109 -17.19 19.22 19.14
C ASP D 109 -17.71 20.63 18.85
N ILE D 110 -18.19 21.32 19.89
CA ILE D 110 -18.81 22.64 19.74
C ILE D 110 -17.90 23.69 20.37
N TRP D 111 -17.56 24.72 19.59
CA TRP D 111 -16.62 25.75 19.99
C TRP D 111 -17.27 27.13 20.00
N ASP D 112 -16.73 28.00 20.85
CA ASP D 112 -17.06 29.42 20.77
C ASP D 112 -16.03 30.10 19.84
N SER D 113 -16.42 31.23 19.27
CA SER D 113 -15.59 31.88 18.26
C SER D 113 -14.15 32.13 18.70
N SER D 114 -13.92 32.37 19.99
CA SER D 114 -12.56 32.60 20.44
C SER D 114 -11.78 31.32 20.71
N ASN D 115 -12.45 30.17 20.72
CA ASN D 115 -11.84 28.88 21.06
C ASN D 115 -11.33 28.89 22.50
N LYS D 116 -12.07 29.56 23.39
CA LYS D 116 -11.76 29.51 24.81
C LYS D 116 -12.63 28.50 25.56
N HIS D 117 -13.71 28.03 24.94
CA HIS D 117 -14.60 27.03 25.51
C HIS D 117 -14.89 25.95 24.46
N GLU D 118 -14.71 24.69 24.85
CA GLU D 118 -14.98 23.54 24.00
C GLU D 118 -16.02 22.65 24.67
N ILE D 119 -17.09 22.33 23.94
CA ILE D 119 -18.15 21.47 24.45
C ILE D 119 -18.24 20.21 23.58
N MET D 120 -18.08 19.05 24.21
CA MET D 120 -18.12 17.76 23.54
C MET D 120 -19.40 17.05 23.94
N LEU D 121 -20.05 16.39 22.98
CA LEU D 121 -21.19 15.52 23.25
C LEU D 121 -20.88 14.14 22.66
N TRP D 122 -20.57 13.15 23.52
CA TRP D 122 -20.20 11.80 23.10
C TRP D 122 -21.46 10.95 22.91
N THR D 123 -21.73 10.58 21.66
CA THR D 123 -22.91 9.78 21.36
C THR D 123 -22.65 8.29 21.47
N ASN D 124 -21.53 7.83 20.94
CA ASN D 124 -21.15 6.43 20.99
C ASN D 124 -19.63 6.36 21.12
N TYR D 125 -19.16 5.46 21.97
CA TYR D 125 -17.74 5.43 22.32
C TYR D 125 -17.38 4.05 22.85
N THR D 126 -16.07 3.77 22.89
CA THR D 126 -15.62 2.45 23.33
C THR D 126 -15.37 2.40 24.83
N GLY D 127 -15.36 3.54 25.51
CA GLY D 127 -15.21 3.60 26.96
C GLY D 127 -16.57 3.54 27.63
N ASN D 128 -16.59 3.91 28.90
CA ASN D 128 -17.80 3.84 29.69
C ASN D 128 -18.26 5.23 30.13
N SER D 129 -19.56 5.36 30.36
CA SER D 129 -20.18 6.63 30.73
C SER D 129 -19.67 7.16 32.07
N ASP D 130 -19.10 6.31 32.92
CA ASP D 130 -18.56 6.79 34.19
C ASP D 130 -17.17 7.37 34.07
N GLY D 131 -16.60 7.46 32.86
CA GLY D 131 -15.27 8.03 32.70
C GLY D 131 -14.13 7.02 32.73
N SER D 132 -14.43 5.74 32.75
CA SER D 132 -13.43 4.67 32.67
C SER D 132 -13.47 4.05 31.29
N GLY D 133 -12.44 3.29 30.94
CA GLY D 133 -12.38 2.57 29.68
C GLY D 133 -11.14 2.91 28.89
N ASN D 134 -11.08 2.35 27.67
CA ASN D 134 -9.92 2.61 26.80
C ASN D 134 -9.89 4.04 26.25
N VAL D 135 -11.00 4.78 26.32
CA VAL D 135 -11.00 6.22 26.07
C VAL D 135 -11.66 6.90 27.26
N LYS D 136 -11.17 8.08 27.65
CA LYS D 136 -11.72 8.83 28.78
C LYS D 136 -11.84 10.31 28.42
N PRO D 137 -12.85 11.02 28.94
CA PRO D 137 -12.97 12.46 28.65
C PRO D 137 -11.86 13.26 29.34
N ILE D 138 -11.59 14.48 28.82
CA ILE D 138 -10.61 15.36 29.49
C ILE D 138 -11.14 15.71 30.86
N SER D 139 -10.27 15.63 31.87
CA SER D 139 -10.71 15.86 33.25
C SER D 139 -9.57 16.45 34.05
N TYR D 140 -9.94 17.36 34.95
CA TYR D 140 -8.96 17.86 35.93
C TYR D 140 -8.59 16.76 36.89
N HIS D 141 -9.56 15.91 37.22
CA HIS D 141 -9.44 14.92 38.28
C HIS D 141 -9.75 13.51 37.78
N TYR D 142 -8.98 12.56 38.32
CA TYR D 142 -9.15 11.14 38.05
C TYR D 142 -9.11 10.36 39.36
N ALA D 143 -9.82 9.26 39.39
CA ALA D 143 -9.86 8.40 40.56
C ALA D 143 -8.56 7.60 40.62
N PRO D 144 -8.23 7.00 41.77
CA PRO D 144 -7.01 6.17 41.80
C PRO D 144 -6.99 5.09 40.72
N SER D 145 -8.15 4.59 40.29
CA SER D 145 -8.24 3.61 39.20
C SER D 145 -7.94 4.22 37.84
N GLY D 146 -7.78 5.54 37.77
CA GLY D 146 -7.57 6.30 36.55
C GLY D 146 -8.82 6.70 35.79
N ALA D 147 -10.02 6.45 36.32
CA ALA D 147 -11.25 6.85 35.66
C ALA D 147 -11.50 8.33 35.92
N ALA D 148 -11.98 9.05 34.90
CA ALA D 148 -12.29 10.47 35.06
C ALA D 148 -13.46 10.64 36.04
N ILE D 149 -13.39 11.68 36.88
CA ILE D 149 -14.41 11.95 37.89
C ILE D 149 -15.43 12.90 37.29
N PRO D 150 -16.70 12.49 37.11
CA PRO D 150 -17.71 13.40 36.55
C PRO D 150 -18.07 14.47 37.55
N VAL D 151 -18.38 15.66 37.03
CA VAL D 151 -18.81 16.71 37.93
C VAL D 151 -20.32 16.64 38.20
N TYR D 152 -21.10 16.16 37.23
CA TYR D 152 -22.54 15.97 37.38
C TYR D 152 -22.87 14.63 36.75
N SER D 153 -23.82 13.92 37.32
CA SER D 153 -24.19 12.60 36.83
C SER D 153 -25.65 12.61 36.43
N ASN D 154 -26.00 11.84 35.38
CA ASN D 154 -27.41 11.65 35.06
C ASN D 154 -28.18 12.94 34.89
N VAL D 155 -27.58 13.85 34.13
CA VAL D 155 -28.21 15.11 33.76
C VAL D 155 -29.06 14.89 32.52
N ASN D 156 -30.34 15.25 32.59
CA ASN D 156 -31.21 15.14 31.42
C ASN D 156 -31.37 16.52 30.79
N VAL D 157 -30.71 16.72 29.65
CA VAL D 157 -30.77 17.98 28.94
C VAL D 157 -30.67 17.69 27.45
N GLY D 158 -31.25 18.58 26.66
CA GLY D 158 -31.18 18.54 25.20
C GLY D 158 -31.56 17.25 24.51
N GLY D 159 -32.52 16.51 25.09
CA GLY D 159 -33.04 15.29 24.51
C GLY D 159 -32.35 14.00 24.92
N ALA D 160 -31.53 14.03 25.97
CA ALA D 160 -30.83 12.83 26.40
C ALA D 160 -30.34 13.03 27.83
N THR D 161 -29.87 11.93 28.42
CA THR D 161 -29.23 11.93 29.73
C THR D 161 -27.74 11.76 29.54
N TRP D 162 -26.96 12.55 30.29
CA TRP D 162 -25.52 12.62 30.12
C TRP D 162 -24.82 12.61 31.47
N ASN D 163 -23.55 12.21 31.46
CA ASN D 163 -22.63 12.43 32.56
C ASN D 163 -21.66 13.54 32.14
N VAL D 164 -21.45 14.51 33.00
CA VAL D 164 -20.71 15.73 32.65
C VAL D 164 -19.33 15.71 33.29
N PHE D 165 -18.30 16.06 32.49
CA PHE D 165 -16.91 16.09 32.95
C PHE D 165 -16.28 17.43 32.60
N GLU D 166 -15.28 17.84 33.40
CA GLU D 166 -14.65 19.15 33.27
C GLU D 166 -13.13 19.04 33.28
N GLY D 167 -12.48 19.73 32.35
CA GLY D 167 -11.03 19.71 32.21
C GLY D 167 -10.56 20.84 31.32
N GLU D 168 -9.25 20.86 31.04
CA GLU D 168 -8.67 21.86 30.16
C GLU D 168 -7.75 21.19 29.14
N GLY D 169 -7.60 21.86 27.98
CA GLY D 169 -6.71 21.42 26.92
C GLY D 169 -5.26 21.83 27.17
N PRO D 170 -4.37 21.57 26.20
CA PRO D 170 -2.94 21.83 26.34
C PRO D 170 -2.70 23.31 26.66
N ASP D 171 -3.34 24.18 25.88
CA ASP D 171 -3.41 25.60 26.30
C ASP D 171 -4.55 25.57 27.31
N GLY D 172 -4.65 26.46 28.28
CA GLY D 172 -5.71 26.24 29.27
C GLY D 172 -7.11 26.64 28.87
N HIS D 173 -7.65 26.10 27.79
CA HIS D 173 -9.02 26.38 27.35
C HIS D 173 -9.89 25.32 28.01
N LYS D 174 -11.07 25.73 28.45
CA LYS D 174 -12.01 24.83 29.16
C LYS D 174 -12.66 23.84 28.20
N VAL D 175 -12.64 22.59 28.60
CA VAL D 175 -13.30 21.52 27.85
C VAL D 175 -14.35 20.93 28.77
N ILE D 176 -15.60 21.00 28.35
CA ILE D 176 -16.73 20.38 29.03
C ILE D 176 -17.22 19.28 28.11
N SER D 177 -17.22 18.05 28.62
CA SER D 177 -17.59 16.87 27.86
C SER D 177 -18.82 16.23 28.48
N LEU D 178 -19.81 15.95 27.63
CA LEU D 178 -21.03 15.27 28.02
C LEU D 178 -21.04 13.89 27.36
N LEU D 179 -21.10 12.84 28.17
CA LEU D 179 -21.09 11.46 27.69
C LEU D 179 -22.50 10.89 27.84
N ARG D 180 -23.08 10.42 26.73
CA ARG D 180 -24.42 9.86 26.77
C ARG D 180 -24.44 8.61 27.65
N THR D 181 -25.38 8.56 28.61
CA THR D 181 -25.44 7.39 29.49
C THR D 181 -25.87 6.15 28.72
N SER D 182 -26.72 6.32 27.70
CA SER D 182 -27.08 5.26 26.78
C SER D 182 -26.51 5.60 25.40
N LYS D 183 -25.59 4.78 24.92
CA LYS D 183 -24.97 5.03 23.63
C LYS D 183 -25.98 4.80 22.50
N THR D 184 -25.85 5.59 21.43
CA THR D 184 -26.74 5.49 20.27
C THR D 184 -25.94 5.81 19.01
N ASN D 185 -26.45 5.34 17.86
CA ASN D 185 -25.86 5.68 16.56
C ASN D 185 -26.77 6.58 15.73
N SER D 186 -27.92 6.97 16.25
CA SER D 186 -28.77 7.93 15.55
C SER D 186 -29.55 8.72 16.58
N GLY D 187 -29.83 9.98 16.26
CA GLY D 187 -30.53 10.83 17.20
C GLY D 187 -30.53 12.28 16.75
N THR D 188 -31.02 13.13 17.66
CA THR D 188 -31.09 14.58 17.47
C THR D 188 -30.71 15.24 18.79
N VAL D 189 -29.85 16.26 18.72
CA VAL D 189 -29.40 16.99 19.90
C VAL D 189 -29.87 18.44 19.80
N ASP D 190 -30.33 18.98 20.93
CA ASP D 190 -30.72 20.38 21.10
C ASP D 190 -29.52 21.08 21.70
N ILE D 191 -28.68 21.64 20.81
CA ILE D 191 -27.44 22.26 21.25
C ILE D 191 -27.70 23.54 22.03
N LYS D 192 -28.73 24.31 21.61
CA LYS D 192 -29.07 25.53 22.33
C LYS D 192 -29.37 25.23 23.81
N SER D 193 -30.21 24.21 24.07
CA SER D 193 -30.59 23.90 25.44
C SER D 193 -29.41 23.42 26.27
N ILE D 194 -28.50 22.66 25.66
CA ILE D 194 -27.33 22.20 26.37
C ILE D 194 -26.43 23.37 26.74
N LEU D 195 -26.21 24.29 25.78
CA LEU D 195 -25.37 25.45 26.05
C LEU D 195 -25.99 26.35 27.12
N GLN D 196 -27.33 26.46 27.15
CA GLN D 196 -28.01 27.22 28.20
C GLN D 196 -27.82 26.57 29.56
N TRP D 197 -27.90 25.23 29.62
CA TRP D 197 -27.69 24.55 30.90
C TRP D 197 -26.27 24.76 31.41
N ILE D 198 -25.28 24.69 30.52
CA ILE D 198 -23.89 24.90 30.92
C ILE D 198 -23.67 26.32 31.40
N LYS D 199 -24.28 27.30 30.72
CA LYS D 199 -24.23 28.67 31.20
C LYS D 199 -24.88 28.80 32.58
N SER D 200 -25.98 28.09 32.81
CA SER D 200 -26.71 28.20 34.07
C SER D 200 -25.89 27.74 35.24
N LYS D 201 -24.88 26.87 35.02
CA LYS D 201 -23.97 26.42 36.06
C LYS D 201 -22.72 27.30 36.17
N GLY D 202 -22.65 28.39 35.41
CA GLY D 202 -21.60 29.39 35.53
C GLY D 202 -20.29 29.13 34.82
N TYR D 203 -20.27 28.18 33.88
CA TYR D 203 -19.04 27.91 33.14
C TYR D 203 -18.69 29.04 32.18
N PHE D 204 -19.70 29.66 31.57
CA PHE D 204 -19.44 30.79 30.69
C PHE D 204 -20.65 31.70 30.66
N GLY D 205 -20.46 32.85 30.01
CA GLY D 205 -21.50 33.85 29.82
C GLY D 205 -22.25 33.69 28.51
N ASP D 206 -22.64 34.82 27.91
CA ASP D 206 -23.33 34.83 26.62
C ASP D 206 -22.26 34.67 25.54
N ILE D 207 -21.81 33.40 25.41
CA ILE D 207 -20.70 33.09 24.50
C ILE D 207 -21.19 33.15 23.05
N GLU D 208 -20.31 33.62 22.15
CA GLU D 208 -20.62 33.61 20.73
C GLU D 208 -20.27 32.24 20.18
N VAL D 209 -21.30 31.51 19.79
CA VAL D 209 -21.18 30.16 19.25
C VAL D 209 -20.45 30.22 17.91
N GLY D 210 -19.35 29.51 17.79
CA GLY D 210 -18.55 29.54 16.58
C GLY D 210 -18.83 28.41 15.60
N SER D 211 -18.34 27.21 15.90
CA SER D 211 -18.42 26.06 15.00
C SER D 211 -19.06 24.86 15.69
N VAL D 212 -19.88 24.13 14.94
CA VAL D 212 -20.46 22.86 15.37
C VAL D 212 -19.79 21.78 14.52
N GLN D 213 -19.04 20.88 15.16
CA GLN D 213 -18.33 19.80 14.48
C GLN D 213 -18.84 18.43 14.92
N TYR D 214 -18.72 17.44 14.05
CA TYR D 214 -19.11 16.07 14.38
C TYR D 214 -18.17 15.10 13.67
N GLY D 215 -17.68 14.10 14.42
CA GLY D 215 -16.78 13.10 13.89
C GLY D 215 -16.36 12.05 14.91
N VAL D 216 -15.21 11.44 14.71
CA VAL D 216 -14.72 10.42 15.64
C VAL D 216 -13.29 10.75 16.03
N GLU D 217 -13.06 10.79 17.34
CA GLU D 217 -11.73 10.90 17.93
C GLU D 217 -11.19 9.47 18.02
N ILE D 218 -10.19 9.17 17.20
CA ILE D 218 -9.66 7.81 17.12
C ILE D 218 -8.35 7.74 17.90
N THR D 219 -8.35 6.94 18.95
CA THR D 219 -7.13 6.60 19.66
C THR D 219 -6.50 5.35 19.07
N SER D 220 -7.30 4.31 18.80
CA SER D 220 -6.83 3.04 18.22
C SER D 220 -7.88 2.46 17.28
N SER D 221 -7.43 1.96 16.15
CA SER D 221 -8.32 1.20 15.27
C SER D 221 -7.49 0.17 14.49
N PRO D 222 -6.83 -0.77 15.19
CA PRO D 222 -5.81 -1.61 14.53
C PRO D 222 -6.36 -2.48 13.42
N GLY D 223 -5.63 -2.53 12.32
CA GLY D 223 -6.02 -3.32 11.16
C GLY D 223 -6.85 -2.57 10.14
N GLY D 224 -7.24 -1.33 10.46
CA GLY D 224 -8.05 -0.52 9.58
C GLY D 224 -9.51 -0.71 9.91
N LYS D 225 -10.18 0.40 10.22
CA LYS D 225 -11.59 0.38 10.57
C LYS D 225 -12.26 1.53 9.84
N ASN D 226 -13.52 1.34 9.49
CA ASN D 226 -14.30 2.31 8.73
C ASN D 226 -15.47 2.86 9.55
N PHE D 227 -15.71 4.15 9.42
CA PHE D 227 -16.84 4.84 10.06
C PHE D 227 -17.65 5.54 8.97
N ASN D 228 -18.96 5.30 8.93
CA ASN D 228 -19.86 5.94 7.96
C ASN D 228 -20.77 6.96 8.65
N PHE D 229 -20.85 8.16 8.08
CA PHE D 229 -21.69 9.24 8.61
C PHE D 229 -22.78 9.63 7.60
N ASN D 230 -24.05 9.34 7.95
CA ASN D 230 -25.22 9.61 7.11
C ASN D 230 -26.03 10.85 7.56
N ASN D 231 -26.44 11.66 6.58
CA ASN D 231 -27.40 12.76 6.75
C ASN D 231 -27.16 13.66 7.95
N TRP D 232 -25.90 13.96 8.25
CA TRP D 232 -25.61 14.96 9.26
C TRP D 232 -26.16 16.32 8.85
N SER D 233 -26.91 16.97 9.75
CA SER D 233 -27.49 18.28 9.48
C SER D 233 -27.44 19.14 10.74
N VAL D 234 -27.40 20.45 10.53
CA VAL D 234 -27.47 21.46 11.59
C VAL D 234 -28.61 22.41 11.24
N THR D 235 -29.47 22.69 12.23
CA THR D 235 -30.56 23.65 12.10
C THR D 235 -30.23 24.86 12.97
N SER D 236 -29.87 25.97 12.33
CA SER D 236 -29.51 27.20 13.01
C SER D 236 -30.51 28.28 12.63
N LYS D 237 -31.24 28.79 13.62
CA LYS D 237 -32.19 29.87 13.41
C LYS D 237 -32.12 30.89 14.55
#